data_8K0B
#
_entry.id   8K0B
#
_cell.length_a   1.00
_cell.length_b   1.00
_cell.length_c   1.00
_cell.angle_alpha   90.00
_cell.angle_beta   90.00
_cell.angle_gamma   90.00
#
_symmetry.space_group_name_H-M   'P 1'
#
_entity_poly.entity_id   1
_entity_poly.type   'polypeptide(L)'
_entity_poly.pdbx_seq_one_letter_code
;MSAFPDSMDQKFHNMTVNECFQSRSTVLQGQPFGGIPTVLVLNIILWVFVVLLYSFLRKAAWDYGRLALLIHNDSLTSLI
YGEQSEKSSPSEVSLEAERRDRGFSSWFFNSLTMRDRDLINKCGDDARIYITFQYHLIIFVLILCIPSLGIILPVNYIGT
VLDWNSHFGRTTIVNVSTESKFLWLHSLFAFLYFLINLAFMGHHCLGFVPKKSLHFTRTLMITYVPTEIQDPEIISKHFH
EAYPGCVVTRVHFCYDVRNLIDLDDQRRHAMRGRLYYTAKAKKTGKVMIKTHPCSRLCFCKCWTCFKEVDAEQYYSELEE
QLTDEFNAELNRVQLKRLDLIFVTFQDARTVRRIYDDYKYIHCGRHPKQSSVTTIVKNYHWRVAHAPHPKDIIWKHLSIR
RFSWWTRFIAINTFLFFLFFFLTTPAIIINTIDIYNVTRPIEKLQSPIVTQFFPSVLLWAFTVTMPLLVYLSAFLEAHWT
RSSQNLIIVHKCYIFLVFMVVILPSMGLTSLHVFLRWLFDIYYLEHATIRFQCVFLPDNGAFFINYVITAALLGTGMELM
RLGSLCTYCTRLFLSKSEPERVHIRKNQATDFQFGREYAWMLNVFSVVMAYSITCPIIVPFGLLYLCMKHITDRYNMYYS
YAPTKLNAQIHMAAVYQAIFAPLLGLFWMLFFSILRVGSLHSITLFSMSSLIISVVIAFSGVFLGKLRIAQRYEQPEEET
ETVFDVEPSSTTSTPTSLLYVATVLQEPELNLTPASSPARHTYGTINSQPEEGEEESGLRGFARELDSAQFQEGLEMEGQ
SH
;
_entity_poly.pdbx_strand_id   A
#
# COMPACT_ATOMS: atom_id res chain seq x y z
N THR A 26 -4.75 -22.43 41.40
CA THR A 26 -5.54 -22.82 40.23
C THR A 26 -4.99 -22.15 38.97
N VAL A 27 -4.17 -22.88 38.22
CA VAL A 27 -3.56 -22.39 36.99
C VAL A 27 -4.03 -23.27 35.84
N LEU A 28 -4.59 -22.64 34.80
CA LEU A 28 -5.03 -23.37 33.62
C LEU A 28 -4.45 -22.73 32.37
N GLN A 29 -4.35 -21.40 32.35
CA GLN A 29 -3.85 -20.68 31.19
C GLN A 29 -3.19 -19.39 31.65
N GLY A 30 -2.74 -18.60 30.68
CA GLY A 30 -1.99 -17.39 30.96
C GLY A 30 -0.50 -17.65 30.93
N GLN A 31 0.19 -17.09 29.94
CA GLN A 31 1.62 -17.31 29.79
C GLN A 31 2.40 -16.31 30.63
N PRO A 32 3.17 -16.75 31.62
CA PRO A 32 3.98 -15.80 32.39
C PRO A 32 5.02 -15.12 31.52
N PHE A 33 5.23 -13.83 31.76
CA PHE A 33 6.16 -12.98 31.04
C PHE A 33 5.86 -12.90 29.55
N GLY A 34 4.74 -13.44 29.10
CA GLY A 34 4.38 -13.44 27.70
C GLY A 34 5.42 -14.14 26.84
N GLY A 35 5.21 -14.00 25.53
CA GLY A 35 6.16 -14.44 24.55
C GLY A 35 7.15 -13.37 24.15
N ILE A 36 7.19 -12.26 24.87
CA ILE A 36 8.04 -11.14 24.47
C ILE A 36 9.52 -11.48 24.47
N PRO A 37 10.08 -12.11 25.50
CA PRO A 37 11.53 -12.38 25.46
C PRO A 37 11.94 -13.36 24.38
N THR A 38 11.18 -14.46 24.21
CA THR A 38 11.53 -15.44 23.20
C THR A 38 11.47 -14.84 21.81
N VAL A 39 10.39 -14.13 21.50
CA VAL A 39 10.29 -13.50 20.19
C VAL A 39 11.32 -12.40 20.04
N LEU A 40 11.72 -11.77 21.15
CA LEU A 40 12.74 -10.73 21.08
C LEU A 40 14.08 -11.31 20.64
N VAL A 41 14.52 -12.38 21.30
CA VAL A 41 15.78 -13.00 20.90
C VAL A 41 15.66 -13.57 19.49
N LEU A 42 14.49 -14.12 19.14
CA LEU A 42 14.30 -14.67 17.81
C LEU A 42 14.40 -13.59 16.74
N ASN A 43 13.79 -12.43 16.97
CA ASN A 43 13.81 -11.40 15.95
C ASN A 43 15.15 -10.68 15.87
N ILE A 44 15.88 -10.55 16.99
CA ILE A 44 17.23 -10.01 16.86
C ILE A 44 18.13 -10.99 16.11
N ILE A 45 17.94 -12.30 16.32
CA ILE A 45 18.68 -13.28 15.52
C ILE A 45 18.32 -13.16 14.05
N LEU A 46 17.02 -13.00 13.77
CA LEU A 46 16.58 -12.85 12.38
C LEU A 46 17.17 -11.58 11.76
N TRP A 47 17.22 -10.49 12.52
CA TRP A 47 17.74 -9.24 11.99
C TRP A 47 19.22 -9.33 11.69
N VAL A 48 20.01 -9.91 12.61
CA VAL A 48 21.43 -10.04 12.33
C VAL A 48 21.66 -11.00 11.16
N PHE A 49 20.84 -12.05 11.06
CA PHE A 49 20.97 -12.98 9.95
C PHE A 49 20.67 -12.30 8.61
N VAL A 50 19.62 -11.49 8.57
CA VAL A 50 19.26 -10.86 7.29
C VAL A 50 20.24 -9.75 6.94
N VAL A 51 20.80 -9.04 7.93
CA VAL A 51 21.80 -8.03 7.60
C VAL A 51 23.09 -8.69 7.11
N LEU A 52 23.45 -9.84 7.69
CA LEU A 52 24.61 -10.58 7.18
C LEU A 52 24.34 -11.12 5.78
N LEU A 53 23.12 -11.58 5.53
CA LEU A 53 22.77 -12.06 4.19
C LEU A 53 22.84 -10.93 3.17
N TYR A 54 22.39 -9.72 3.54
CA TYR A 54 22.52 -8.58 2.59
C TYR A 54 23.99 -8.36 2.33
N SER A 55 24.73 -8.21 3.40
CA SER A 55 26.15 -7.88 3.21
C SER A 55 26.83 -8.90 2.30
N PHE A 56 26.55 -10.19 2.52
CA PHE A 56 27.18 -11.21 1.70
C PHE A 56 26.63 -11.21 0.27
N LEU A 57 25.38 -10.81 0.09
CA LEU A 57 24.84 -10.67 -1.26
C LEU A 57 25.50 -9.50 -1.99
N ARG A 58 25.72 -8.38 -1.29
CA ARG A 58 26.38 -7.25 -1.92
C ARG A 58 27.87 -7.50 -2.14
N LYS A 59 28.48 -8.43 -1.38
CA LYS A 59 29.90 -8.71 -1.51
C LYS A 59 30.20 -9.92 -2.41
N ALA A 60 29.23 -10.77 -2.67
CA ALA A 60 29.43 -11.98 -3.46
C ALA A 60 28.63 -12.00 -4.75
N ALA A 61 27.37 -11.59 -4.71
CA ALA A 61 26.58 -11.43 -5.93
C ALA A 61 26.87 -10.14 -6.66
N TRP A 62 27.98 -9.46 -6.30
CA TRP A 62 28.46 -8.26 -6.97
C TRP A 62 27.45 -7.13 -6.87
N ASP A 63 27.42 -6.26 -7.87
CA ASP A 63 26.56 -5.08 -7.85
C ASP A 63 25.14 -5.42 -8.31
N TYR A 64 24.53 -6.36 -7.57
CA TYR A 64 23.18 -6.80 -7.91
C TYR A 64 22.17 -5.67 -7.73
N GLY A 65 22.28 -4.91 -6.63
CA GLY A 65 21.32 -3.88 -6.30
C GLY A 65 21.71 -2.47 -6.68
N ARG A 66 22.81 -2.27 -7.40
CA ARG A 66 23.22 -0.93 -7.78
C ARG A 66 23.42 -0.81 -9.29
N LEU A 67 23.86 -1.88 -9.94
CA LEU A 67 24.00 -1.85 -11.39
C LEU A 67 22.65 -1.66 -12.07
N ALA A 68 21.61 -2.32 -11.55
CA ALA A 68 20.27 -2.13 -12.10
C ALA A 68 19.80 -0.69 -11.94
N LEU A 69 20.07 -0.09 -10.78
CA LEU A 69 19.71 1.31 -10.55
C LEU A 69 20.45 2.23 -11.51
N LEU A 70 21.74 1.97 -11.72
CA LEU A 70 22.52 2.78 -12.66
C LEU A 70 22.00 2.64 -14.09
N ILE A 71 21.64 1.42 -14.48
CA ILE A 71 21.12 1.20 -15.83
C ILE A 71 19.77 1.88 -16.02
N HIS A 72 18.92 1.83 -15.00
CA HIS A 72 17.57 2.40 -15.13
C HIS A 72 17.62 3.91 -15.36
N ASN A 73 18.51 4.61 -14.66
CA ASN A 73 18.62 6.05 -14.78
C ASN A 73 19.56 6.48 -15.91
N ASP A 74 20.12 5.55 -16.66
CA ASP A 74 21.06 5.86 -17.74
C ASP A 74 20.31 6.23 -19.03
N SER A 75 19.49 7.27 -18.93
CA SER A 75 18.74 7.81 -20.06
C SER A 75 17.86 6.74 -20.71
N LEU A 76 16.89 6.27 -19.93
CA LEU A 76 15.98 5.24 -20.43
C LEU A 76 15.16 5.73 -21.61
N THR A 77 14.95 7.05 -21.73
CA THR A 77 14.23 7.59 -22.87
C THR A 77 14.99 7.37 -24.17
N SER A 78 16.31 7.36 -24.11
CA SER A 78 17.17 7.13 -25.28
C SER A 78 18.21 6.07 -24.96
N LEU A 79 17.75 4.96 -24.37
CA LEU A 79 18.65 3.87 -24.00
C LEU A 79 18.80 2.84 -25.11
N ILE A 80 17.73 2.59 -25.87
CA ILE A 80 17.80 1.62 -26.96
C ILE A 80 18.77 2.07 -28.03
N TYR A 81 18.71 3.35 -28.40
CA TYR A 81 19.61 3.93 -29.38
C TYR A 81 20.54 4.92 -28.68
N GLY A 82 21.84 4.78 -28.92
CA GLY A 82 22.81 5.63 -28.26
C GLY A 82 23.70 6.40 -29.22
N GLU A 83 23.86 7.70 -28.97
CA GLU A 83 24.70 8.56 -29.79
C GLU A 83 25.75 9.22 -28.89
N GLN A 84 26.98 9.33 -29.41
CA GLN A 84 28.08 9.92 -28.66
C GLN A 84 27.94 11.44 -28.68
N SER A 85 27.57 12.01 -27.53
CA SER A 85 27.42 13.45 -27.38
C SER A 85 28.64 14.01 -26.64
N GLU A 86 28.59 15.30 -26.33
CA GLU A 86 29.67 15.94 -25.59
C GLU A 86 29.72 15.40 -24.17
N LYS A 87 30.94 15.11 -23.71
CA LYS A 87 31.18 14.55 -22.37
C LYS A 87 30.37 13.27 -22.16
N SER A 88 30.66 12.27 -22.98
CA SER A 88 29.95 11.00 -22.89
C SER A 88 30.18 10.32 -21.55
N SER A 89 31.42 10.35 -21.07
CA SER A 89 31.72 9.74 -19.78
C SER A 89 31.08 10.57 -18.65
N PRO A 90 30.28 9.95 -17.79
CA PRO A 90 29.66 10.71 -16.69
C PRO A 90 30.70 11.23 -15.73
N SER A 91 30.39 12.39 -15.13
CA SER A 91 31.29 13.02 -14.16
C SER A 91 31.02 12.52 -12.75
N GLU A 92 31.03 11.19 -12.59
CA GLU A 92 30.84 10.48 -11.32
C GLU A 92 29.70 11.06 -10.48
N VAL A 93 28.64 11.55 -11.14
CA VAL A 93 27.49 12.08 -10.42
C VAL A 93 26.79 10.97 -9.65
N SER A 94 26.53 9.84 -10.32
CA SER A 94 25.95 8.69 -9.63
C SER A 94 26.98 7.94 -8.81
N LEU A 95 28.24 7.94 -9.24
CA LEU A 95 29.29 7.23 -8.49
C LEU A 95 29.57 7.89 -7.15
N GLU A 96 29.47 9.21 -7.07
CA GLU A 96 29.75 9.91 -5.81
C GLU A 96 28.78 9.49 -4.71
N ALA A 97 27.49 9.38 -5.04
CA ALA A 97 26.51 9.00 -4.04
C ALA A 97 26.62 7.53 -3.66
N GLU A 98 26.76 6.66 -4.66
CA GLU A 98 26.81 5.22 -4.43
C GLU A 98 28.23 4.70 -4.28
N ARG A 99 29.02 5.35 -3.41
CA ARG A 99 30.35 4.86 -3.08
C ARG A 99 30.70 5.05 -1.61
N ARG A 100 29.71 5.27 -0.75
CA ARG A 100 29.96 5.53 0.66
C ARG A 100 29.86 4.26 1.50
N ASP A 101 28.76 3.52 1.37
CA ASP A 101 28.51 2.32 2.17
C ASP A 101 29.16 1.13 1.46
N ARG A 102 30.42 0.87 1.81
CA ARG A 102 31.15 -0.27 1.28
C ARG A 102 31.55 -1.25 2.37
N GLY A 103 32.11 -0.76 3.48
CA GLY A 103 32.50 -1.63 4.56
C GLY A 103 31.32 -2.25 5.27
N PHE A 104 31.56 -3.41 5.88
CA PHE A 104 30.49 -4.11 6.59
C PHE A 104 30.02 -3.31 7.80
N SER A 105 30.94 -2.70 8.54
CA SER A 105 30.57 -1.94 9.73
C SER A 105 30.11 -0.52 9.42
N SER A 106 30.30 -0.06 8.19
CA SER A 106 29.88 1.30 7.80
C SER A 106 28.46 1.28 7.25
N TRP A 107 27.52 0.95 8.13
CA TRP A 107 26.11 0.87 7.74
C TRP A 107 25.22 1.65 8.70
N PHE A 108 25.66 1.82 9.94
CA PHE A 108 24.87 2.48 10.96
C PHE A 108 25.49 3.77 11.47
N PHE A 109 26.75 3.74 11.88
CA PHE A 109 27.42 4.90 12.45
C PHE A 109 28.23 5.62 11.39
N ASN A 110 28.46 6.92 11.62
CA ASN A 110 29.19 7.79 10.71
C ASN A 110 28.56 7.78 9.31
N SER A 111 27.23 7.72 9.24
CA SER A 111 26.54 7.63 7.97
C SER A 111 25.38 8.61 7.81
N LEU A 112 24.81 9.13 8.90
CA LEU A 112 23.67 10.02 8.76
C LEU A 112 24.09 11.48 8.68
N THR A 113 24.67 12.00 9.76
CA THR A 113 25.08 13.42 9.86
C THR A 113 24.04 14.33 9.21
N MET A 114 22.76 14.05 9.46
CA MET A 114 21.68 14.52 8.59
C MET A 114 20.98 15.76 9.15
N ARG A 115 20.63 15.76 10.44
CA ARG A 115 20.06 16.92 11.13
C ARG A 115 19.02 17.66 10.28
N ASP A 116 18.06 16.91 9.74
CA ASP A 116 16.95 17.39 8.92
C ASP A 116 17.39 17.88 7.55
N ARG A 117 18.61 17.60 7.12
CA ARG A 117 19.06 17.97 5.77
C ARG A 117 20.11 16.95 5.32
N ASP A 118 19.65 15.91 4.65
CA ASP A 118 20.56 14.96 4.01
C ASP A 118 20.20 14.65 2.57
N LEU A 119 18.90 14.57 2.26
CA LEU A 119 18.45 14.00 0.99
C LEU A 119 17.29 14.77 0.39
N ILE A 120 17.18 16.06 0.69
CA ILE A 120 16.06 16.86 0.19
C ILE A 120 16.05 16.89 -1.34
N ASN A 121 17.22 17.06 -1.95
CA ASN A 121 17.33 17.16 -3.41
C ASN A 121 17.61 15.81 -4.06
N LYS A 122 16.81 14.79 -3.71
CA LYS A 122 16.95 13.47 -4.31
C LYS A 122 15.70 13.03 -5.07
N CYS A 123 14.53 13.07 -4.44
CA CYS A 123 13.29 12.67 -5.07
C CYS A 123 12.35 13.82 -5.37
N GLY A 124 12.58 15.00 -4.77
CA GLY A 124 11.69 16.12 -4.96
C GLY A 124 10.90 16.45 -3.71
N ASP A 125 9.74 17.08 -3.87
CA ASP A 125 8.93 17.45 -2.72
C ASP A 125 8.20 16.26 -2.12
N ASP A 126 8.01 15.19 -2.90
CA ASP A 126 7.28 14.03 -2.41
C ASP A 126 8.02 13.36 -1.25
N ALA A 127 9.34 13.21 -1.40
CA ALA A 127 10.16 12.64 -0.34
C ALA A 127 10.16 13.57 0.87
N ARG A 128 10.11 14.87 0.61
CA ARG A 128 10.04 15.87 1.68
C ARG A 128 8.80 15.65 2.52
N ILE A 129 7.66 15.32 1.93
CA ILE A 129 6.45 15.19 2.78
C ILE A 129 6.48 13.85 3.45
N TYR A 130 7.26 12.92 2.92
CA TYR A 130 7.21 11.55 3.48
C TYR A 130 7.60 11.64 4.90
N ILE A 131 8.82 12.08 5.10
CA ILE A 131 9.34 12.07 6.48
C ILE A 131 8.71 13.28 7.15
N THR A 132 8.20 14.21 6.37
CA THR A 132 7.53 15.26 7.17
C THR A 132 6.52 14.46 8.01
N PHE A 133 5.65 13.67 7.39
CA PHE A 133 4.60 12.95 8.15
C PHE A 133 5.22 11.85 9.00
N GLN A 134 6.36 11.34 8.56
CA GLN A 134 6.95 10.20 9.29
C GLN A 134 7.33 10.69 10.66
N TYR A 135 7.79 11.91 10.69
CA TYR A 135 8.31 12.40 11.97
C TYR A 135 7.10 12.90 12.70
N HIS A 136 6.20 13.50 11.95
CA HIS A 136 5.08 14.05 12.72
C HIS A 136 4.49 12.81 13.39
N LEU A 137 4.95 11.62 12.95
CA LEU A 137 4.59 10.36 13.65
C LEU A 137 5.64 10.02 14.71
N ILE A 138 6.93 9.94 14.33
CA ILE A 138 7.93 9.48 15.30
C ILE A 138 7.88 10.31 16.58
N ILE A 139 7.90 11.64 16.44
CA ILE A 139 7.75 12.48 17.63
C ILE A 139 6.36 12.33 18.24
N PHE A 140 5.35 11.96 17.45
CA PHE A 140 4.02 11.70 17.97
C PHE A 140 4.02 10.47 18.88
N VAL A 141 4.61 9.38 18.42
CA VAL A 141 4.69 8.18 19.25
C VAL A 141 5.66 8.39 20.41
N LEU A 142 6.60 9.34 20.27
CA LEU A 142 7.47 9.69 21.39
C LEU A 142 6.69 10.42 22.48
N ILE A 143 5.87 11.39 22.10
CA ILE A 143 5.03 12.08 23.06
C ILE A 143 3.95 11.16 23.59
N LEU A 144 3.66 10.07 22.89
CA LEU A 144 2.82 9.00 23.44
C LEU A 144 3.59 8.14 24.44
N CYS A 145 4.89 7.94 24.23
CA CYS A 145 5.64 7.08 25.12
C CYS A 145 5.85 7.69 26.50
N ILE A 146 5.59 8.99 26.67
CA ILE A 146 5.79 9.63 27.97
C ILE A 146 4.62 9.30 28.90
N PRO A 147 3.35 9.55 28.53
CA PRO A 147 2.25 9.26 29.46
C PRO A 147 1.75 7.82 29.36
N SER A 148 1.88 7.20 28.19
CA SER A 148 1.43 5.82 28.04
C SER A 148 2.38 4.81 28.66
N LEU A 149 3.61 5.22 28.99
CA LEU A 149 4.53 4.37 29.73
C LEU A 149 4.74 4.83 31.16
N GLY A 150 4.48 6.10 31.46
CA GLY A 150 4.74 6.63 32.79
C GLY A 150 3.49 6.94 33.59
N ILE A 151 2.32 6.88 32.96
CA ILE A 151 1.08 7.16 33.68
C ILE A 151 0.14 5.96 33.63
N ILE A 152 -0.29 5.58 32.42
CA ILE A 152 -1.29 4.52 32.31
C ILE A 152 -0.68 3.16 32.65
N LEU A 153 0.56 2.92 32.23
CA LEU A 153 1.20 1.65 32.54
C LEU A 153 1.44 1.48 34.04
N PRO A 154 1.99 2.45 34.77
CA PRO A 154 2.13 2.25 36.22
C PRO A 154 0.82 2.06 36.95
N VAL A 155 -0.25 2.74 36.52
CA VAL A 155 -1.53 2.60 37.21
C VAL A 155 -2.31 1.38 36.78
N ASN A 156 -1.93 0.75 35.66
CA ASN A 156 -2.50 -0.54 35.29
C ASN A 156 -1.71 -1.70 35.88
N TYR A 157 -0.41 -1.50 36.09
CA TYR A 157 0.41 -2.51 36.75
C TYR A 157 -0.03 -2.73 38.18
N ILE A 158 -0.45 -1.66 38.87
CA ILE A 158 -0.86 -1.76 40.27
C ILE A 158 -2.16 -2.54 40.44
N GLY A 159 -2.87 -2.83 39.35
CA GLY A 159 -4.07 -3.63 39.46
C GLY A 159 -3.76 -5.03 39.96
N THR A 160 -4.72 -5.60 40.69
CA THR A 160 -4.50 -6.89 41.35
C THR A 160 -5.65 -7.86 41.12
N VAL A 161 -6.53 -7.59 40.14
CA VAL A 161 -7.61 -8.52 39.87
C VAL A 161 -7.07 -9.85 39.35
N LEU A 162 -5.94 -9.82 38.64
CA LEU A 162 -5.28 -11.02 38.19
C LEU A 162 -4.32 -11.51 39.27
N ASP A 163 -3.51 -12.52 38.94
CA ASP A 163 -2.59 -13.11 39.90
C ASP A 163 -1.25 -12.41 39.87
N TRP A 164 -0.64 -12.26 41.05
CA TRP A 164 0.66 -11.59 41.15
C TRP A 164 1.74 -12.39 40.42
N ASN A 165 1.71 -13.72 40.55
CA ASN A 165 2.75 -14.55 39.95
C ASN A 165 2.80 -14.40 38.44
N SER A 166 1.68 -14.08 37.81
CA SER A 166 1.66 -13.92 36.36
C SER A 166 2.35 -12.63 35.96
N HIS A 167 3.05 -12.68 34.82
CA HIS A 167 3.73 -11.51 34.26
C HIS A 167 3.28 -11.33 32.82
N PHE A 168 3.17 -10.07 32.40
CA PHE A 168 2.64 -9.65 31.11
C PHE A 168 1.14 -9.91 31.00
N GLY A 169 0.57 -10.56 32.00
CA GLY A 169 -0.87 -10.74 32.06
C GLY A 169 -1.51 -9.65 32.89
N ARG A 170 -0.78 -9.18 33.89
CA ARG A 170 -1.25 -8.12 34.77
C ARG A 170 -0.64 -6.77 34.41
N THR A 171 0.01 -6.69 33.25
CA THR A 171 0.49 -5.42 32.71
C THR A 171 -0.39 -4.89 31.60
N THR A 172 -1.41 -5.63 31.19
CA THR A 172 -2.33 -5.22 30.15
C THR A 172 -3.66 -4.79 30.76
N ILE A 173 -4.64 -4.53 29.89
CA ILE A 173 -5.94 -4.03 30.32
C ILE A 173 -6.76 -5.06 31.09
N VAL A 174 -6.30 -6.31 31.14
CA VAL A 174 -6.97 -7.31 31.97
C VAL A 174 -6.85 -6.94 33.45
N ASN A 175 -5.71 -6.36 33.82
CA ASN A 175 -5.38 -6.16 35.22
C ASN A 175 -6.22 -5.07 35.88
N VAL A 176 -6.82 -4.17 35.11
CA VAL A 176 -7.64 -3.13 35.72
C VAL A 176 -8.99 -3.72 36.12
N SER A 177 -9.35 -3.56 37.39
CA SER A 177 -10.56 -4.16 37.91
C SER A 177 -11.79 -3.40 37.42
N THR A 178 -12.91 -4.12 37.34
CA THR A 178 -14.16 -3.49 36.94
C THR A 178 -14.57 -2.41 37.92
N GLU A 179 -14.54 -2.73 39.22
CA GLU A 179 -14.93 -1.78 40.26
C GLU A 179 -13.71 -0.93 40.61
N SER A 180 -13.42 0.02 39.72
CA SER A 180 -12.31 0.94 39.93
C SER A 180 -12.55 2.17 39.07
N LYS A 181 -12.00 3.30 39.51
CA LYS A 181 -12.15 4.57 38.82
C LYS A 181 -11.04 4.81 37.80
N PHE A 182 -10.38 3.76 37.31
CA PHE A 182 -9.25 3.90 36.42
C PHE A 182 -9.57 3.61 34.97
N LEU A 183 -10.58 2.79 34.69
CA LEU A 183 -11.06 2.66 33.32
C LEU A 183 -11.55 4.00 32.78
N TRP A 184 -12.07 4.86 33.67
CA TRP A 184 -12.39 6.22 33.27
C TRP A 184 -11.14 6.95 32.80
N LEU A 185 -10.03 6.77 33.50
CA LEU A 185 -8.76 7.36 33.07
C LEU A 185 -8.36 6.81 31.70
N HIS A 186 -8.55 5.50 31.50
CA HIS A 186 -8.20 4.89 30.21
C HIS A 186 -9.00 5.51 29.07
N SER A 187 -10.32 5.60 29.24
CA SER A 187 -11.17 6.14 28.18
C SER A 187 -10.89 7.62 27.95
N LEU A 188 -10.73 8.39 29.02
CA LEU A 188 -10.43 9.82 28.87
C LEU A 188 -9.10 10.02 28.16
N PHE A 189 -8.10 9.20 28.49
CA PHE A 189 -6.82 9.28 27.81
C PHE A 189 -6.96 8.95 26.34
N ALA A 190 -7.80 7.95 26.01
CA ALA A 190 -8.03 7.65 24.61
C ALA A 190 -8.62 8.85 23.88
N PHE A 191 -9.58 9.53 24.51
CA PHE A 191 -10.19 10.70 23.86
C PHE A 191 -9.16 11.81 23.66
N LEU A 192 -8.45 12.19 24.72
CA LEU A 192 -7.43 13.23 24.57
C LEU A 192 -6.32 12.82 23.61
N TYR A 193 -6.08 11.52 23.45
CA TYR A 193 -5.04 11.15 22.51
C TYR A 193 -5.53 11.20 21.06
N PHE A 194 -6.81 10.90 20.82
CA PHE A 194 -7.34 11.23 19.49
C PHE A 194 -7.21 12.72 19.23
N LEU A 195 -7.48 13.55 20.25
CA LEU A 195 -7.34 14.99 20.08
C LEU A 195 -5.91 15.39 19.75
N ILE A 196 -4.93 14.80 20.45
CA ILE A 196 -3.54 15.18 20.23
C ILE A 196 -3.05 14.67 18.88
N ASN A 197 -3.55 13.51 18.43
CA ASN A 197 -3.17 13.05 17.09
C ASN A 197 -3.76 14.00 16.05
N LEU A 198 -4.99 14.47 16.27
CA LEU A 198 -5.55 15.48 15.38
C LEU A 198 -4.70 16.74 15.36
N ALA A 199 -4.20 17.15 16.52
CA ALA A 199 -3.32 18.33 16.58
C ALA A 199 -2.04 18.10 15.80
N PHE A 200 -1.44 16.92 15.95
CA PHE A 200 -0.22 16.60 15.21
C PHE A 200 -0.47 16.62 13.70
N MET A 201 -1.58 16.03 13.27
CA MET A 201 -1.89 16.02 11.84
C MET A 201 -2.24 17.41 11.34
N GLY A 202 -2.79 18.25 12.21
CA GLY A 202 -3.01 19.64 11.84
C GLY A 202 -1.70 20.39 11.66
N HIS A 203 -0.72 20.12 12.52
CA HIS A 203 0.59 20.72 12.33
C HIS A 203 1.22 20.24 11.02
N HIS A 204 1.05 18.96 10.70
CA HIS A 204 1.54 18.45 9.43
C HIS A 204 0.85 19.14 8.25
N CYS A 205 -0.48 19.33 8.36
CA CYS A 205 -1.24 19.93 7.26
C CYS A 205 -0.94 21.41 7.11
N LEU A 206 -0.53 22.08 8.19
CA LEU A 206 -0.22 23.50 8.12
C LEU A 206 0.96 23.80 7.20
N GLY A 207 1.76 22.79 6.87
CA GLY A 207 2.91 22.99 6.01
C GLY A 207 2.87 22.16 4.74
N PHE A 208 1.69 21.67 4.37
CA PHE A 208 1.56 20.90 3.14
C PHE A 208 1.97 21.72 1.93
N VAL A 209 1.35 22.89 1.76
CA VAL A 209 1.41 23.72 0.55
C VAL A 209 1.52 22.82 -0.67
N PRO A 210 0.53 21.97 -0.93
CA PRO A 210 0.66 21.00 -2.02
C PRO A 210 0.77 21.69 -3.37
N LYS A 211 1.56 21.08 -4.26
CA LYS A 211 1.67 21.59 -5.62
C LYS A 211 0.31 21.47 -6.31
N LYS A 212 0.00 22.46 -7.15
CA LYS A 212 -1.29 22.47 -7.82
C LYS A 212 -1.33 21.41 -8.91
N SER A 213 -1.66 20.18 -8.51
CA SER A 213 -1.71 19.08 -9.47
C SER A 213 -2.76 19.32 -10.55
N LEU A 214 -3.92 19.85 -10.17
CA LEU A 214 -4.95 20.20 -11.14
C LEU A 214 -4.62 21.57 -11.72
N HIS A 215 -3.66 21.59 -12.63
CA HIS A 215 -3.39 22.79 -13.40
C HIS A 215 -4.59 23.12 -14.26
N PHE A 216 -4.78 24.40 -14.56
CA PHE A 216 -5.94 24.82 -15.33
C PHE A 216 -5.80 24.29 -16.74
N THR A 217 -6.44 23.15 -17.01
CA THR A 217 -6.22 22.43 -18.26
C THR A 217 -6.98 23.09 -19.39
N ARG A 218 -6.33 23.20 -20.55
CA ARG A 218 -6.97 23.69 -21.76
C ARG A 218 -7.77 22.61 -22.48
N THR A 219 -7.67 21.36 -22.04
CA THR A 219 -8.38 20.24 -22.66
C THR A 219 -9.29 19.59 -21.64
N LEU A 220 -10.49 19.21 -22.08
CA LEU A 220 -11.47 18.57 -21.23
C LEU A 220 -11.77 17.17 -21.74
N MET A 221 -12.36 16.36 -20.87
CA MET A 221 -12.77 15.00 -21.21
C MET A 221 -14.29 14.93 -21.26
N ILE A 222 -14.82 14.29 -22.31
CA ILE A 222 -16.26 14.21 -22.51
C ILE A 222 -16.62 12.76 -22.81
N THR A 223 -17.59 12.22 -22.08
CA THR A 223 -18.05 10.86 -22.27
C THR A 223 -19.45 10.84 -22.88
N TYR A 224 -19.88 9.63 -23.28
CA TYR A 224 -21.22 9.39 -23.80
C TYR A 224 -21.52 10.20 -25.06
N VAL A 225 -20.48 10.52 -25.83
CA VAL A 225 -20.65 11.28 -27.06
C VAL A 225 -21.08 10.32 -28.17
N PRO A 226 -22.15 10.61 -28.90
CA PRO A 226 -22.59 9.69 -29.96
C PRO A 226 -21.48 9.44 -30.97
N THR A 227 -21.37 8.17 -31.39
CA THR A 227 -20.29 7.75 -32.27
C THR A 227 -20.51 8.12 -33.73
N GLU A 228 -21.69 8.64 -34.08
CA GLU A 228 -21.96 9.01 -35.46
C GLU A 228 -21.39 10.37 -35.84
N ILE A 229 -20.92 11.15 -34.88
CA ILE A 229 -20.36 12.49 -35.17
C ILE A 229 -18.88 12.28 -35.43
N GLN A 230 -18.55 11.93 -36.67
CA GLN A 230 -17.17 11.71 -37.07
C GLN A 230 -16.45 13.01 -37.41
N ASP A 231 -17.15 14.13 -37.48
CA ASP A 231 -16.54 15.40 -37.85
C ASP A 231 -16.32 16.23 -36.59
N PRO A 232 -15.07 16.52 -36.21
CA PRO A 232 -14.84 17.41 -35.07
C PRO A 232 -15.31 18.84 -35.31
N GLU A 233 -15.51 19.23 -36.57
CA GLU A 233 -15.99 20.58 -36.87
C GLU A 233 -17.38 20.81 -36.30
N ILE A 234 -18.22 19.77 -36.25
CA ILE A 234 -19.55 19.91 -35.66
C ILE A 234 -19.43 20.25 -34.18
N ILE A 235 -18.54 19.56 -33.47
CA ILE A 235 -18.35 19.83 -32.04
C ILE A 235 -17.76 21.22 -31.84
N SER A 236 -16.82 21.62 -32.70
CA SER A 236 -16.23 22.95 -32.59
C SER A 236 -17.28 24.04 -32.82
N LYS A 237 -18.16 23.85 -33.81
CA LYS A 237 -19.23 24.81 -34.06
C LYS A 237 -20.20 24.86 -32.90
N HIS A 238 -20.53 23.70 -32.33
CA HIS A 238 -21.42 23.66 -31.16
C HIS A 238 -20.82 24.42 -29.99
N PHE A 239 -19.53 24.21 -29.73
CA PHE A 239 -18.86 24.93 -28.64
C PHE A 239 -18.82 26.43 -28.90
N HIS A 240 -18.54 26.82 -30.14
CA HIS A 240 -18.45 28.25 -30.47
C HIS A 240 -19.81 28.92 -30.33
N GLU A 241 -20.88 28.29 -30.82
CA GLU A 241 -22.20 28.89 -30.73
C GLU A 241 -22.70 28.90 -29.29
N ALA A 242 -22.46 27.83 -28.54
CA ALA A 242 -22.90 27.78 -27.15
C ALA A 242 -22.18 28.83 -26.30
N TYR A 243 -20.88 29.01 -26.53
CA TYR A 243 -20.07 29.92 -25.73
C TYR A 243 -19.50 31.01 -26.62
N PRO A 244 -20.10 32.21 -26.64
CA PRO A 244 -19.52 33.30 -27.41
C PRO A 244 -18.14 33.68 -26.88
N GLY A 245 -17.25 34.04 -27.81
CA GLY A 245 -15.89 34.39 -27.44
C GLY A 245 -15.00 33.23 -27.08
N CYS A 246 -15.44 32.00 -27.36
CA CYS A 246 -14.67 30.80 -27.03
C CYS A 246 -14.01 30.25 -28.29
N VAL A 247 -12.74 29.88 -28.17
CA VAL A 247 -11.94 29.36 -29.27
C VAL A 247 -11.57 27.92 -28.95
N VAL A 248 -11.86 27.01 -29.88
CA VAL A 248 -11.56 25.59 -29.72
C VAL A 248 -10.23 25.32 -30.42
N THR A 249 -9.19 25.07 -29.63
CA THR A 249 -7.87 24.82 -30.21
C THR A 249 -7.84 23.51 -30.98
N ARG A 250 -8.29 22.42 -30.36
CA ARG A 250 -8.24 21.11 -30.98
C ARG A 250 -9.38 20.25 -30.43
N VAL A 251 -9.74 19.22 -31.21
CA VAL A 251 -10.71 18.22 -30.82
C VAL A 251 -10.09 16.85 -31.05
N HIS A 252 -10.14 16.00 -30.02
CA HIS A 252 -9.52 14.68 -30.07
C HIS A 252 -10.56 13.60 -29.79
N PHE A 253 -10.44 12.48 -30.51
CA PHE A 253 -11.31 11.34 -30.35
C PHE A 253 -10.51 10.13 -29.89
N CYS A 254 -11.16 9.26 -29.12
CA CYS A 254 -10.53 8.06 -28.60
C CYS A 254 -10.95 6.84 -29.42
N TYR A 255 -10.05 5.85 -29.46
CA TYR A 255 -10.28 4.63 -30.22
C TYR A 255 -9.83 3.43 -29.41
N ASP A 256 -10.38 2.27 -29.76
CA ASP A 256 -10.00 1.01 -29.13
C ASP A 256 -8.59 0.65 -29.59
N VAL A 257 -7.60 0.85 -28.71
CA VAL A 257 -6.21 0.67 -29.04
C VAL A 257 -5.53 -0.33 -28.11
N ARG A 258 -6.31 -1.16 -27.41
CA ARG A 258 -5.73 -2.18 -26.54
C ARG A 258 -4.92 -3.18 -27.36
N ASN A 259 -5.51 -3.70 -28.44
CA ASN A 259 -4.78 -4.58 -29.34
C ASN A 259 -3.60 -3.85 -29.98
N LEU A 260 -3.80 -2.57 -30.31
CA LEU A 260 -2.71 -1.77 -30.85
C LEU A 260 -1.56 -1.65 -29.86
N ILE A 261 -1.88 -1.41 -28.59
CA ILE A 261 -0.84 -1.30 -27.56
C ILE A 261 -0.11 -2.62 -27.39
N ASP A 262 -0.85 -3.73 -27.37
CA ASP A 262 -0.21 -5.05 -27.25
C ASP A 262 0.70 -5.33 -28.43
N LEU A 263 0.24 -5.02 -29.64
CA LEU A 263 1.06 -5.23 -30.82
C LEU A 263 2.31 -4.35 -30.80
N ASP A 264 2.16 -3.10 -30.35
CA ASP A 264 3.32 -2.21 -30.25
C ASP A 264 4.33 -2.76 -29.25
N ASP A 265 3.86 -3.27 -28.11
CA ASP A 265 4.77 -3.83 -27.12
C ASP A 265 5.49 -5.06 -27.67
N GLN A 266 4.76 -5.94 -28.36
CA GLN A 266 5.38 -7.13 -28.94
C GLN A 266 6.41 -6.74 -30.01
N ARG A 267 6.08 -5.76 -30.84
CA ARG A 267 7.02 -5.29 -31.86
C ARG A 267 8.25 -4.67 -31.23
N ARG A 268 8.08 -3.92 -30.15
CA ARG A 268 9.23 -3.33 -29.45
C ARG A 268 10.14 -4.42 -28.88
N HIS A 269 9.55 -5.45 -28.27
CA HIS A 269 10.35 -6.54 -27.74
C HIS A 269 11.11 -7.26 -28.85
N ALA A 270 10.42 -7.53 -29.97
CA ALA A 270 11.07 -8.21 -31.09
C ALA A 270 12.18 -7.36 -31.68
N MET A 271 11.96 -6.05 -31.77
CA MET A 271 12.96 -5.14 -32.33
C MET A 271 14.20 -5.05 -31.43
N ARG A 272 14.00 -4.95 -30.12
CA ARG A 272 15.13 -4.95 -29.20
C ARG A 272 15.91 -6.26 -29.26
N GLY A 273 15.19 -7.39 -29.29
CA GLY A 273 15.88 -8.67 -29.42
C GLY A 273 16.63 -8.80 -30.73
N ARG A 274 16.06 -8.26 -31.81
CA ARG A 274 16.72 -8.29 -33.10
C ARG A 274 18.01 -7.48 -33.08
N LEU A 275 17.99 -6.30 -32.46
CA LEU A 275 19.23 -5.54 -32.32
C LEU A 275 20.25 -6.29 -31.48
N TYR A 276 19.82 -6.91 -30.38
CA TYR A 276 20.76 -7.64 -29.53
C TYR A 276 21.41 -8.78 -30.30
N TYR A 277 20.61 -9.55 -31.04
CA TYR A 277 21.16 -10.67 -31.79
C TYR A 277 21.97 -10.22 -32.99
N THR A 278 21.63 -9.07 -33.59
CA THR A 278 22.46 -8.52 -34.65
C THR A 278 23.83 -8.13 -34.13
N ALA A 279 23.87 -7.49 -32.95
CA ALA A 279 25.15 -7.15 -32.35
C ALA A 279 25.95 -8.40 -32.01
N LYS A 280 25.29 -9.42 -31.47
CA LYS A 280 25.97 -10.66 -31.14
C LYS A 280 26.53 -11.33 -32.39
N ALA A 281 25.76 -11.33 -33.49
CA ALA A 281 26.24 -11.92 -34.73
C ALA A 281 27.40 -11.13 -35.31
N LYS A 282 27.34 -9.80 -35.24
CA LYS A 282 28.44 -8.98 -35.75
C LYS A 282 29.70 -9.15 -34.92
N LYS A 283 29.55 -9.45 -33.62
CA LYS A 283 30.71 -9.59 -32.75
C LYS A 283 31.32 -10.99 -32.81
N THR A 284 30.53 -12.02 -32.48
CA THR A 284 31.05 -13.37 -32.34
C THR A 284 30.38 -14.36 -33.29
N GLY A 285 29.80 -13.88 -34.39
CA GLY A 285 29.21 -14.78 -35.37
C GLY A 285 27.79 -15.20 -35.04
N LYS A 286 27.22 -15.97 -35.95
CA LYS A 286 25.83 -16.39 -35.82
C LYS A 286 25.64 -17.26 -34.58
N VAL A 287 24.47 -17.11 -33.95
CA VAL A 287 24.13 -17.82 -32.73
C VAL A 287 22.91 -18.70 -33.00
N MET A 288 23.00 -19.97 -32.62
CA MET A 288 21.92 -20.93 -32.79
C MET A 288 21.14 -21.06 -31.49
N ILE A 289 19.84 -20.82 -31.54
CA ILE A 289 18.97 -20.88 -30.37
C ILE A 289 17.78 -21.77 -30.69
N LYS A 290 17.09 -22.20 -29.62
CA LYS A 290 15.91 -23.03 -29.73
C LYS A 290 14.68 -22.21 -29.36
N THR A 291 13.70 -22.17 -30.26
CA THR A 291 12.52 -21.33 -30.06
C THR A 291 11.55 -21.93 -29.05
N HIS A 292 11.52 -23.25 -28.92
CA HIS A 292 10.54 -23.89 -28.06
C HIS A 292 10.82 -23.57 -26.60
N PRO A 293 9.82 -23.12 -25.83
CA PRO A 293 10.06 -22.83 -24.41
C PRO A 293 10.50 -24.04 -23.60
N CYS A 294 10.08 -25.25 -23.98
CA CYS A 294 10.41 -26.46 -23.25
C CYS A 294 11.78 -27.01 -23.61
N SER A 295 12.52 -26.35 -24.52
CA SER A 295 13.84 -26.83 -24.89
C SER A 295 14.80 -26.79 -23.71
N ARG A 296 14.72 -25.73 -22.89
CA ARG A 296 15.60 -25.63 -21.73
C ARG A 296 15.29 -26.69 -20.68
N LEU A 297 14.04 -27.16 -20.63
CA LEU A 297 13.67 -28.17 -19.64
C LEU A 297 14.42 -29.48 -19.87
N CYS A 298 14.57 -29.89 -21.13
CA CYS A 298 15.26 -31.12 -21.47
C CYS A 298 16.73 -30.83 -21.73
N PHE A 299 17.61 -31.58 -21.07
CA PHE A 299 19.04 -31.52 -21.33
C PHE A 299 19.45 -32.37 -22.53
N CYS A 300 18.48 -32.95 -23.22
CA CYS A 300 18.76 -33.79 -24.38
C CYS A 300 19.41 -32.97 -25.49
N LYS A 301 20.47 -33.53 -26.08
CA LYS A 301 21.18 -32.90 -27.19
C LYS A 301 20.77 -33.46 -28.54
N CYS A 302 19.73 -34.30 -28.59
CA CYS A 302 19.31 -34.90 -29.84
C CYS A 302 18.74 -33.84 -30.79
N TRP A 303 19.06 -33.99 -32.08
CA TRP A 303 18.58 -33.04 -33.07
C TRP A 303 17.07 -33.09 -33.22
N THR A 304 16.49 -34.29 -33.18
CA THR A 304 15.06 -34.45 -33.41
C THR A 304 14.21 -33.94 -32.25
N CYS A 305 14.79 -33.80 -31.06
CA CYS A 305 14.02 -33.34 -29.91
C CYS A 305 13.53 -31.90 -30.11
N PHE A 306 14.41 -31.02 -30.59
CA PHE A 306 14.06 -29.63 -30.80
C PHE A 306 14.84 -29.09 -31.98
N LYS A 307 14.13 -28.54 -32.96
CA LYS A 307 14.77 -27.96 -34.14
C LYS A 307 15.43 -26.63 -33.77
N GLU A 308 16.67 -26.45 -34.21
CA GLU A 308 17.42 -25.23 -33.96
C GLU A 308 17.29 -24.29 -35.15
N VAL A 309 16.91 -23.04 -34.89
CA VAL A 309 16.73 -22.04 -35.94
C VAL A 309 17.62 -20.85 -35.60
N ASP A 310 18.01 -20.11 -36.64
CA ASP A 310 18.81 -18.91 -36.44
C ASP A 310 18.05 -17.90 -35.61
N ALA A 311 18.75 -17.31 -34.64
CA ALA A 311 18.11 -16.34 -33.75
C ALA A 311 17.69 -15.09 -34.49
N GLU A 312 18.61 -14.49 -35.26
CA GLU A 312 18.32 -13.23 -35.92
C GLU A 312 17.25 -13.38 -36.99
N GLN A 313 17.30 -14.46 -37.77
CA GLN A 313 16.33 -14.65 -38.84
C GLN A 313 14.93 -14.84 -38.28
N TYR A 314 14.80 -15.68 -37.25
CA TYR A 314 13.50 -15.88 -36.62
C TYR A 314 13.00 -14.60 -35.97
N TYR A 315 13.91 -13.84 -35.33
CA TYR A 315 13.51 -12.57 -34.73
C TYR A 315 13.00 -11.60 -35.77
N SER A 316 13.70 -11.50 -36.91
CA SER A 316 13.28 -10.60 -37.97
C SER A 316 11.93 -11.03 -38.55
N GLU A 317 11.73 -12.33 -38.76
CA GLU A 317 10.46 -12.80 -39.29
C GLU A 317 9.31 -12.51 -38.34
N LEU A 318 9.52 -12.77 -37.04
CA LEU A 318 8.47 -12.49 -36.07
C LEU A 318 8.18 -11.00 -35.98
N GLU A 319 9.22 -10.18 -36.03
CA GLU A 319 9.02 -8.73 -36.00
C GLU A 319 8.26 -8.25 -37.22
N GLU A 320 8.57 -8.81 -38.40
CA GLU A 320 7.85 -8.44 -39.61
C GLU A 320 6.38 -8.83 -39.52
N GLN A 321 6.10 -10.04 -39.04
CA GLN A 321 4.70 -10.46 -38.90
C GLN A 321 3.96 -9.58 -37.90
N LEU A 322 4.60 -9.26 -36.77
CA LEU A 322 3.98 -8.41 -35.77
C LEU A 322 3.74 -7.01 -36.31
N THR A 323 4.68 -6.49 -37.11
CA THR A 323 4.50 -5.17 -37.73
C THR A 323 3.34 -5.18 -38.71
N ASP A 324 3.21 -6.26 -39.50
CA ASP A 324 2.08 -6.36 -40.42
C ASP A 324 0.75 -6.41 -39.67
N GLU A 325 0.70 -7.18 -38.59
CA GLU A 325 -0.52 -7.24 -37.79
C GLU A 325 -0.81 -5.89 -37.12
N PHE A 326 0.24 -5.19 -36.69
CA PHE A 326 0.06 -3.86 -36.11
C PHE A 326 -0.48 -2.88 -37.16
N ASN A 327 0.00 -2.97 -38.39
CA ASN A 327 -0.51 -2.12 -39.46
C ASN A 327 -1.98 -2.42 -39.74
N ALA A 328 -2.35 -3.71 -39.77
CA ALA A 328 -3.74 -4.06 -39.97
C ALA A 328 -4.62 -3.55 -38.84
N GLU A 329 -4.16 -3.69 -37.60
CA GLU A 329 -4.92 -3.20 -36.46
C GLU A 329 -5.08 -1.69 -36.51
N LEU A 330 -4.01 -0.96 -36.87
CA LEU A 330 -4.09 0.48 -36.99
C LEU A 330 -5.05 0.89 -38.11
N ASN A 331 -5.07 0.13 -39.20
CA ASN A 331 -6.03 0.39 -40.27
C ASN A 331 -7.46 0.22 -39.78
N ARG A 332 -7.71 -0.82 -38.97
CA ARG A 332 -9.05 -1.04 -38.44
C ARG A 332 -9.39 -0.13 -37.26
N VAL A 333 -8.41 0.57 -36.69
CA VAL A 333 -8.66 1.44 -35.55
C VAL A 333 -9.70 2.50 -35.88
N GLN A 334 -9.62 3.08 -37.08
CA GLN A 334 -10.52 4.18 -37.43
C GLN A 334 -11.98 3.76 -37.37
N LEU A 335 -12.28 2.49 -37.61
CA LEU A 335 -13.65 2.01 -37.51
C LEU A 335 -14.11 1.84 -36.08
N LYS A 336 -13.19 1.58 -35.15
CA LYS A 336 -13.54 1.40 -33.74
C LYS A 336 -13.41 2.73 -33.00
N ARG A 337 -14.42 3.58 -33.19
CA ARG A 337 -14.49 4.85 -32.49
C ARG A 337 -15.31 4.68 -31.22
N LEU A 338 -14.75 5.11 -30.10
CA LEU A 338 -15.44 5.07 -28.82
C LEU A 338 -16.33 6.31 -28.68
N ASP A 339 -17.01 6.43 -27.55
CA ASP A 339 -17.85 7.58 -27.26
C ASP A 339 -17.19 8.58 -26.33
N LEU A 340 -15.88 8.44 -26.10
CA LEU A 340 -15.10 9.37 -25.29
C LEU A 340 -14.32 10.30 -26.20
N ILE A 341 -14.50 11.61 -26.02
CA ILE A 341 -13.86 12.61 -26.86
C ILE A 341 -13.11 13.61 -25.99
N PHE A 342 -12.16 14.30 -26.60
CA PHE A 342 -11.35 15.32 -25.94
C PHE A 342 -11.38 16.60 -26.77
N VAL A 343 -11.67 17.72 -26.11
CA VAL A 343 -11.75 19.02 -26.76
C VAL A 343 -10.78 19.97 -26.06
N THR A 344 -9.97 20.67 -26.85
CA THR A 344 -8.98 21.61 -26.34
C THR A 344 -9.44 23.04 -26.64
N PHE A 345 -9.37 23.89 -25.62
CA PHE A 345 -9.79 25.29 -25.73
C PHE A 345 -8.60 26.21 -25.49
N GLN A 346 -8.73 27.46 -25.96
CA GLN A 346 -7.64 28.41 -25.83
C GLN A 346 -7.51 28.92 -24.39
N ASP A 347 -8.64 29.22 -23.75
CA ASP A 347 -8.64 29.81 -22.41
C ASP A 347 -9.29 28.86 -21.42
N ALA A 348 -8.73 28.81 -20.21
CA ALA A 348 -9.26 27.93 -19.16
C ALA A 348 -10.49 28.53 -18.47
N ARG A 349 -10.74 29.82 -18.64
CA ARG A 349 -11.94 30.42 -18.05
C ARG A 349 -13.20 29.86 -18.66
N THR A 350 -13.23 29.71 -19.98
CA THR A 350 -14.38 29.09 -20.62
C THR A 350 -14.47 27.61 -20.28
N VAL A 351 -13.34 26.95 -20.02
CA VAL A 351 -13.37 25.58 -19.53
C VAL A 351 -14.04 25.52 -18.16
N ARG A 352 -13.71 26.47 -17.27
CA ARG A 352 -14.36 26.53 -15.98
C ARG A 352 -15.85 26.80 -16.11
N ARG A 353 -16.22 27.68 -17.04
CA ARG A 353 -17.64 27.93 -17.31
C ARG A 353 -18.34 26.66 -17.78
N ILE A 354 -17.70 25.91 -18.68
CA ILE A 354 -18.26 24.66 -19.16
C ILE A 354 -18.46 23.69 -18.01
N TYR A 355 -17.47 23.58 -17.13
CA TYR A 355 -17.58 22.66 -16.00
C TYR A 355 -18.69 23.09 -15.04
N ASP A 356 -18.77 24.38 -14.75
CA ASP A 356 -19.82 24.87 -13.83
C ASP A 356 -21.21 24.69 -14.43
N ASP A 357 -21.33 24.78 -15.75
CA ASP A 357 -22.63 24.55 -16.38
C ASP A 357 -22.97 23.07 -16.48
N TYR A 358 -21.96 22.21 -16.63
CA TYR A 358 -22.18 20.79 -16.91
C TYR A 358 -22.15 19.91 -15.68
N LYS A 359 -21.70 20.41 -14.53
CA LYS A 359 -21.66 19.54 -13.35
C LYS A 359 -23.05 19.23 -12.82
N TYR A 360 -23.98 20.18 -12.93
CA TYR A 360 -25.33 20.04 -12.39
C TYR A 360 -26.36 19.69 -13.46
N ILE A 361 -25.97 18.95 -14.50
CA ILE A 361 -26.92 18.54 -15.53
C ILE A 361 -27.94 17.58 -14.95
N HIS A 362 -27.50 16.64 -14.10
CA HIS A 362 -28.41 15.67 -13.51
C HIS A 362 -29.39 16.30 -12.52
N CYS A 363 -29.19 17.56 -12.15
CA CYS A 363 -30.08 18.26 -11.23
C CYS A 363 -31.28 18.88 -11.91
N GLY A 364 -31.38 18.77 -13.24
CA GLY A 364 -32.53 19.28 -13.95
C GLY A 364 -32.31 20.55 -14.74
N ARG A 365 -31.07 21.02 -14.87
CA ARG A 365 -30.77 22.23 -15.61
C ARG A 365 -30.31 21.88 -17.03
N HIS A 366 -30.88 22.56 -18.01
CA HIS A 366 -30.48 22.37 -19.40
C HIS A 366 -29.28 23.25 -19.70
N PRO A 367 -28.15 22.69 -20.15
CA PRO A 367 -26.96 23.50 -20.39
C PRO A 367 -27.07 24.37 -21.65
N LYS A 368 -25.99 25.06 -22.00
CA LYS A 368 -25.99 25.91 -23.17
C LYS A 368 -26.02 25.06 -24.44
N GLN A 369 -26.85 25.46 -25.39
CA GLN A 369 -27.09 24.70 -26.61
C GLN A 369 -26.53 25.45 -27.82
N SER A 370 -26.77 24.88 -28.99
CA SER A 370 -26.33 25.48 -30.26
C SER A 370 -27.24 24.96 -31.36
N SER A 371 -26.89 25.25 -32.61
CA SER A 371 -27.68 24.78 -33.74
C SER A 371 -27.57 23.28 -33.92
N VAL A 372 -26.37 22.73 -33.72
CA VAL A 372 -26.14 21.30 -33.87
C VAL A 372 -26.20 20.57 -32.54
N THR A 373 -26.80 21.19 -31.52
CA THR A 373 -26.90 20.55 -30.21
C THR A 373 -27.76 19.30 -30.27
N THR A 374 -28.77 19.27 -31.14
CA THR A 374 -29.61 18.09 -31.28
C THR A 374 -28.78 16.87 -31.67
N ILE A 375 -27.84 17.05 -32.60
CA ILE A 375 -26.87 15.99 -32.88
C ILE A 375 -25.89 15.85 -31.72
N VAL A 376 -25.47 16.97 -31.14
CA VAL A 376 -24.50 16.95 -30.05
C VAL A 376 -25.08 16.28 -28.81
N LYS A 377 -26.33 16.60 -28.48
CA LYS A 377 -27.00 16.08 -27.27
C LYS A 377 -26.21 16.46 -26.02
N ASN A 378 -26.14 17.77 -25.77
CA ASN A 378 -25.38 18.31 -24.64
C ASN A 378 -25.94 17.90 -23.29
N TYR A 379 -27.17 17.38 -23.23
CA TYR A 379 -27.74 16.91 -21.99
C TYR A 379 -27.22 15.54 -21.58
N HIS A 380 -26.55 14.83 -22.48
CA HIS A 380 -25.93 13.54 -22.15
C HIS A 380 -24.50 13.68 -21.68
N TRP A 381 -23.79 14.69 -22.15
CA TRP A 381 -22.36 14.80 -21.88
C TRP A 381 -22.10 15.06 -20.40
N ARG A 382 -21.08 14.38 -19.87
CA ARG A 382 -20.57 14.66 -18.53
C ARG A 382 -19.10 15.02 -18.67
N VAL A 383 -18.78 16.29 -18.43
CA VAL A 383 -17.45 16.83 -18.70
C VAL A 383 -16.80 17.20 -17.38
N ALA A 384 -15.58 16.69 -17.17
CA ALA A 384 -14.75 17.05 -16.03
C ALA A 384 -13.36 17.37 -16.55
N HIS A 385 -12.52 17.90 -15.65
CA HIS A 385 -11.16 18.27 -16.02
C HIS A 385 -10.41 17.03 -16.52
N ALA A 386 -9.86 17.12 -17.72
CA ALA A 386 -9.19 15.98 -18.33
C ALA A 386 -7.88 15.70 -17.61
N PRO A 387 -7.64 14.47 -17.17
CA PRO A 387 -6.37 14.15 -16.50
C PRO A 387 -5.21 14.28 -17.47
N HIS A 388 -4.01 14.25 -16.89
CA HIS A 388 -2.80 14.35 -17.70
C HIS A 388 -2.68 13.14 -18.61
N PRO A 389 -2.23 13.31 -19.85
CA PRO A 389 -2.10 12.15 -20.76
C PRO A 389 -1.19 11.06 -20.22
N LYS A 390 -0.14 11.42 -19.48
CA LYS A 390 0.68 10.40 -18.83
C LYS A 390 -0.13 9.65 -17.77
N ASP A 391 -0.96 10.37 -17.01
CA ASP A 391 -1.89 9.72 -16.10
C ASP A 391 -2.94 8.90 -16.84
N ILE A 392 -3.24 9.25 -18.09
CA ILE A 392 -4.21 8.54 -18.89
C ILE A 392 -3.57 7.29 -19.47
N ILE A 393 -4.18 6.14 -19.21
CA ILE A 393 -3.76 4.88 -19.83
C ILE A 393 -4.84 4.48 -20.83
N TRP A 394 -4.47 4.45 -22.11
CA TRP A 394 -5.42 4.17 -23.18
C TRP A 394 -5.96 2.75 -23.12
N LYS A 395 -5.27 1.82 -22.47
CA LYS A 395 -5.74 0.45 -22.40
C LYS A 395 -6.88 0.29 -21.40
N HIS A 396 -6.83 0.99 -20.27
CA HIS A 396 -7.79 0.80 -19.19
C HIS A 396 -8.84 1.90 -19.09
N LEU A 397 -8.89 2.84 -20.03
CA LEU A 397 -10.06 3.72 -20.10
C LEU A 397 -11.27 2.98 -20.65
N SER A 398 -11.07 1.78 -21.21
CA SER A 398 -12.18 0.99 -21.72
C SER A 398 -13.01 0.43 -20.57
N ILE A 399 -12.50 0.53 -19.35
CA ILE A 399 -13.19 0.05 -18.16
C ILE A 399 -14.14 1.16 -17.72
N ARG A 400 -15.36 1.13 -18.24
CA ARG A 400 -16.38 2.11 -17.86
C ARG A 400 -17.76 1.52 -18.16
N ARG A 401 -18.47 1.15 -17.09
CA ARG A 401 -19.87 0.73 -17.18
C ARG A 401 -20.50 0.88 -15.81
N PHE A 402 -21.84 0.92 -15.79
CA PHE A 402 -22.57 0.85 -14.53
C PHE A 402 -22.98 -0.58 -14.22
N SER A 403 -22.30 -1.56 -14.81
CA SER A 403 -22.29 -2.92 -14.29
C SER A 403 -21.23 -2.99 -13.22
N TRP A 404 -20.71 -1.81 -12.87
CA TRP A 404 -19.78 -1.62 -11.76
C TRP A 404 -20.55 -1.68 -10.45
N TRP A 405 -19.84 -1.64 -9.33
CA TRP A 405 -20.42 -1.55 -7.99
C TRP A 405 -21.26 -2.77 -7.64
N THR A 406 -21.33 -3.75 -8.54
CA THR A 406 -21.82 -5.08 -8.22
C THR A 406 -20.75 -6.15 -8.38
N ARG A 407 -19.82 -5.96 -9.31
CA ARG A 407 -18.58 -6.72 -9.27
C ARG A 407 -17.76 -6.34 -8.05
N PHE A 408 -17.80 -5.05 -7.68
CA PHE A 408 -17.00 -4.59 -6.55
C PHE A 408 -17.41 -5.27 -5.25
N ILE A 409 -18.72 -5.39 -5.01
CA ILE A 409 -19.16 -6.09 -3.81
C ILE A 409 -18.80 -7.57 -3.90
N ALA A 410 -18.86 -8.15 -5.10
CA ALA A 410 -18.54 -9.56 -5.25
C ALA A 410 -17.05 -9.81 -5.01
N ILE A 411 -16.19 -9.01 -5.64
CA ILE A 411 -14.75 -9.20 -5.47
C ILE A 411 -14.34 -8.87 -4.04
N ASN A 412 -14.99 -7.88 -3.42
CA ASN A 412 -14.69 -7.56 -2.03
C ASN A 412 -15.08 -8.69 -1.10
N THR A 413 -16.25 -9.29 -1.33
CA THR A 413 -16.66 -10.43 -0.51
C THR A 413 -15.74 -11.62 -0.71
N PHE A 414 -15.33 -11.87 -1.96
CA PHE A 414 -14.40 -12.97 -2.21
C PHE A 414 -13.06 -12.74 -1.52
N LEU A 415 -12.54 -11.52 -1.61
CA LEU A 415 -11.27 -11.22 -0.94
C LEU A 415 -11.39 -11.32 0.57
N PHE A 416 -12.51 -10.84 1.12
CA PHE A 416 -12.72 -10.93 2.57
C PHE A 416 -12.79 -12.38 3.02
N PHE A 417 -13.54 -13.21 2.29
CA PHE A 417 -13.66 -14.61 2.67
C PHE A 417 -12.35 -15.35 2.52
N LEU A 418 -11.60 -15.06 1.44
CA LEU A 418 -10.30 -15.69 1.26
C LEU A 418 -9.34 -15.28 2.38
N PHE A 419 -9.34 -14.00 2.73
CA PHE A 419 -8.47 -13.53 3.81
C PHE A 419 -8.87 -14.14 5.14
N PHE A 420 -10.17 -14.33 5.37
CA PHE A 420 -10.62 -14.95 6.62
C PHE A 420 -10.19 -16.41 6.70
N PHE A 421 -10.46 -17.19 5.64
CA PHE A 421 -10.04 -18.59 5.62
C PHE A 421 -8.53 -18.73 5.60
N LEU A 422 -7.82 -17.67 5.22
CA LEU A 422 -6.37 -17.68 5.16
C LEU A 422 -5.72 -17.29 6.48
N THR A 423 -6.31 -16.36 7.21
CA THR A 423 -5.81 -15.95 8.52
C THR A 423 -6.39 -16.77 9.66
N THR A 424 -7.36 -17.63 9.40
CA THR A 424 -7.86 -18.54 10.43
C THR A 424 -6.76 -19.40 11.05
N PRO A 425 -5.80 -19.98 10.30
CA PRO A 425 -4.73 -20.75 10.97
C PRO A 425 -3.97 -19.96 12.00
N ALA A 426 -3.74 -18.66 11.78
CA ALA A 426 -3.06 -17.84 12.76
C ALA A 426 -3.80 -17.80 14.09
N ILE A 427 -5.09 -18.09 14.08
CA ILE A 427 -5.88 -18.15 15.30
C ILE A 427 -5.98 -19.57 15.84
N ILE A 428 -6.19 -20.56 14.96
CA ILE A 428 -6.35 -21.93 15.40
C ILE A 428 -5.05 -22.54 15.88
N ILE A 429 -3.90 -21.93 15.56
CA ILE A 429 -2.63 -22.43 16.06
C ILE A 429 -2.50 -22.17 17.56
N ASN A 430 -3.36 -21.32 18.12
CA ASN A 430 -3.36 -21.09 19.56
C ASN A 430 -3.99 -22.23 20.34
N THR A 431 -4.44 -23.29 19.65
CA THR A 431 -4.96 -24.51 20.27
C THR A 431 -6.17 -24.23 21.16
N ILE A 432 -6.55 -25.23 21.96
CA ILE A 432 -7.68 -25.15 22.88
C ILE A 432 -7.25 -25.79 24.18
N ASP A 433 -7.65 -25.20 25.32
CA ASP A 433 -7.28 -25.75 26.61
C ASP A 433 -7.90 -27.15 26.77
N ILE A 434 -7.43 -27.86 27.79
CA ILE A 434 -7.77 -29.27 27.94
C ILE A 434 -9.20 -29.45 28.44
N TYR A 435 -9.46 -28.97 29.67
CA TYR A 435 -10.79 -29.01 30.30
C TYR A 435 -11.41 -30.41 30.30
N ASN A 436 -10.63 -31.45 30.04
CA ASN A 436 -11.13 -32.82 30.00
C ASN A 436 -10.84 -33.56 31.30
N VAL A 437 -9.58 -33.63 31.71
CA VAL A 437 -9.20 -34.22 32.97
C VAL A 437 -8.97 -33.10 33.98
N THR A 438 -9.02 -33.45 35.26
CA THR A 438 -8.97 -32.48 36.34
C THR A 438 -7.55 -32.19 36.83
N ARG A 439 -6.53 -32.70 36.12
CA ARG A 439 -5.14 -32.54 36.53
C ARG A 439 -4.36 -31.89 35.39
N PRO A 440 -4.31 -30.56 35.35
CA PRO A 440 -3.55 -29.86 34.30
C PRO A 440 -2.05 -29.77 34.56
N ILE A 441 -1.53 -30.48 35.55
CA ILE A 441 -0.11 -30.42 35.89
C ILE A 441 0.75 -31.20 34.90
N GLU A 442 0.14 -32.08 34.10
CA GLU A 442 0.90 -32.95 33.22
C GLU A 442 1.81 -32.17 32.28
N LYS A 443 1.22 -31.37 31.40
CA LYS A 443 2.01 -30.59 30.46
C LYS A 443 1.21 -29.36 30.03
N LEU A 444 1.93 -28.35 29.55
CA LEU A 444 1.31 -27.13 29.06
C LEU A 444 1.79 -26.83 27.64
N GLN A 445 1.42 -25.67 27.11
CA GLN A 445 1.76 -25.32 25.74
C GLN A 445 3.18 -24.79 25.65
N SER A 446 3.82 -25.04 24.50
CA SER A 446 5.17 -24.55 24.25
C SER A 446 5.09 -23.11 23.75
N PRO A 447 5.74 -22.16 24.40
CA PRO A 447 5.56 -20.74 24.01
C PRO A 447 6.00 -20.43 22.59
N ILE A 448 6.94 -21.18 22.03
CA ILE A 448 7.51 -20.81 20.74
C ILE A 448 6.45 -20.86 19.64
N VAL A 449 5.89 -22.06 19.39
CA VAL A 449 4.90 -22.17 18.32
C VAL A 449 3.56 -21.56 18.73
N THR A 450 3.33 -21.37 20.02
CA THR A 450 2.08 -20.76 20.47
C THR A 450 2.07 -19.26 20.27
N GLN A 451 3.23 -18.59 20.35
CA GLN A 451 3.28 -17.15 20.26
C GLN A 451 4.02 -16.63 19.03
N PHE A 452 5.26 -17.07 18.80
CA PHE A 452 6.03 -16.53 17.69
C PHE A 452 5.47 -17.01 16.35
N PHE A 453 5.11 -18.29 16.25
CA PHE A 453 4.63 -18.83 14.98
C PHE A 453 3.37 -18.14 14.48
N PRO A 454 2.31 -17.95 15.28
CA PRO A 454 1.17 -17.17 14.77
C PRO A 454 1.56 -15.77 14.37
N SER A 455 2.47 -15.15 15.12
CA SER A 455 2.86 -13.78 14.84
C SER A 455 3.61 -13.67 13.51
N VAL A 456 4.62 -14.52 13.32
CA VAL A 456 5.37 -14.47 12.07
C VAL A 456 4.50 -14.90 10.90
N LEU A 457 3.57 -15.84 11.13
CA LEU A 457 2.71 -16.31 10.05
C LEU A 457 1.73 -15.20 9.63
N LEU A 458 1.17 -14.49 10.62
CA LEU A 458 0.33 -13.34 10.31
C LEU A 458 1.12 -12.25 9.62
N TRP A 459 2.39 -12.06 10.02
CA TRP A 459 3.23 -11.09 9.32
C TRP A 459 3.42 -11.47 7.86
N ALA A 460 3.64 -12.76 7.59
CA ALA A 460 3.78 -13.22 6.22
C ALA A 460 2.50 -12.97 5.42
N PHE A 461 1.35 -13.23 6.05
CA PHE A 461 0.09 -12.96 5.37
C PHE A 461 -0.09 -11.46 5.08
N THR A 462 0.25 -10.62 6.05
CA THR A 462 0.15 -9.17 5.82
C THR A 462 1.09 -8.73 4.72
N VAL A 463 2.29 -9.30 4.67
CA VAL A 463 3.25 -8.94 3.63
C VAL A 463 2.75 -9.36 2.25
N THR A 464 2.13 -10.54 2.15
CA THR A 464 1.62 -10.99 0.87
C THR A 464 0.28 -10.36 0.49
N MET A 465 -0.39 -9.70 1.44
CA MET A 465 -1.68 -9.07 1.15
C MET A 465 -1.63 -8.01 0.06
N PRO A 466 -0.71 -7.03 0.08
CA PRO A 466 -0.77 -5.97 -0.94
C PRO A 466 -0.63 -6.46 -2.36
N LEU A 467 0.05 -7.59 -2.59
CA LEU A 467 0.11 -8.15 -3.94
C LEU A 467 -1.29 -8.52 -4.42
N LEU A 468 -2.06 -9.21 -3.58
CA LEU A 468 -3.42 -9.59 -3.93
C LEU A 468 -4.32 -8.36 -4.05
N VAL A 469 -4.10 -7.36 -3.20
CA VAL A 469 -4.90 -6.13 -3.29
C VAL A 469 -4.63 -5.42 -4.62
N TYR A 470 -3.36 -5.34 -5.01
CA TYR A 470 -3.02 -4.74 -6.30
C TYR A 470 -3.63 -5.53 -7.45
N LEU A 471 -3.60 -6.87 -7.36
CA LEU A 471 -4.19 -7.67 -8.41
C LEU A 471 -5.69 -7.41 -8.52
N SER A 472 -6.38 -7.34 -7.38
CA SER A 472 -7.82 -7.06 -7.41
C SER A 472 -8.11 -5.69 -7.99
N ALA A 473 -7.33 -4.68 -7.58
CA ALA A 473 -7.54 -3.33 -8.09
C ALA A 473 -7.29 -3.26 -9.60
N PHE A 474 -6.24 -3.94 -10.07
CA PHE A 474 -5.99 -4.00 -11.50
C PHE A 474 -7.12 -4.70 -12.24
N LEU A 475 -7.73 -5.70 -11.60
CA LEU A 475 -8.92 -6.32 -12.17
C LEU A 475 -10.05 -5.32 -12.29
N GLU A 476 -10.26 -4.50 -11.26
CA GLU A 476 -11.32 -3.49 -11.31
C GLU A 476 -10.98 -2.38 -12.29
N ALA A 477 -9.77 -1.81 -12.17
CA ALA A 477 -9.22 -0.82 -13.09
C ALA A 477 -9.97 0.52 -13.05
N HIS A 478 -11.07 0.59 -12.30
CA HIS A 478 -11.84 1.80 -12.05
C HIS A 478 -11.99 2.71 -13.27
N TRP A 479 -11.86 4.01 -13.06
CA TRP A 479 -12.04 5.00 -14.11
C TRP A 479 -10.74 5.70 -14.48
N THR A 480 -10.08 6.35 -13.51
CA THR A 480 -8.85 7.08 -13.74
C THR A 480 -7.81 6.61 -12.73
N ARG A 481 -6.54 6.79 -13.10
CA ARG A 481 -5.45 6.26 -12.28
C ARG A 481 -5.31 7.00 -10.95
N SER A 482 -5.75 8.25 -10.88
CA SER A 482 -5.76 8.94 -9.58
C SER A 482 -6.73 8.26 -8.63
N SER A 483 -7.95 7.99 -9.10
CA SER A 483 -8.90 7.22 -8.30
C SER A 483 -8.40 5.82 -8.05
N GLN A 484 -7.64 5.24 -8.99
CA GLN A 484 -7.08 3.91 -8.80
C GLN A 484 -6.10 3.90 -7.63
N ASN A 485 -5.19 4.86 -7.59
CA ASN A 485 -4.24 4.95 -6.49
C ASN A 485 -4.94 5.25 -5.17
N LEU A 486 -5.94 6.13 -5.21
CA LEU A 486 -6.68 6.42 -3.99
C LEU A 486 -7.40 5.18 -3.46
N ILE A 487 -8.04 4.42 -4.34
CA ILE A 487 -8.75 3.23 -3.90
C ILE A 487 -7.77 2.15 -3.45
N ILE A 488 -6.56 2.12 -4.03
CA ILE A 488 -5.54 1.21 -3.53
C ILE A 488 -5.18 1.57 -2.09
N VAL A 489 -4.79 2.84 -1.87
CA VAL A 489 -4.32 3.25 -0.55
C VAL A 489 -5.44 3.20 0.47
N HIS A 490 -6.69 3.21 0.02
CA HIS A 490 -7.81 3.08 0.94
C HIS A 490 -8.15 1.63 1.23
N LYS A 491 -8.40 0.83 0.19
CA LYS A 491 -8.90 -0.52 0.38
C LYS A 491 -7.83 -1.45 0.92
N CYS A 492 -6.58 -1.32 0.48
CA CYS A 492 -5.52 -2.13 1.05
C CYS A 492 -5.39 -1.88 2.54
N TYR A 493 -5.40 -0.59 2.93
CA TYR A 493 -5.34 -0.25 4.34
C TYR A 493 -6.54 -0.80 5.10
N ILE A 494 -7.73 -0.69 4.52
CA ILE A 494 -8.93 -1.09 5.25
C ILE A 494 -8.97 -2.60 5.44
N PHE A 495 -8.61 -3.36 4.40
CA PHE A 495 -8.54 -4.81 4.55
C PHE A 495 -7.47 -5.20 5.56
N LEU A 496 -6.33 -4.49 5.54
CA LEU A 496 -5.24 -4.84 6.45
C LEU A 496 -5.64 -4.57 7.90
N VAL A 497 -6.25 -3.41 8.17
CA VAL A 497 -6.62 -3.12 9.56
C VAL A 497 -7.74 -4.05 10.00
N PHE A 498 -8.67 -4.37 9.09
CA PHE A 498 -9.70 -5.34 9.40
C PHE A 498 -9.08 -6.66 9.87
N MET A 499 -8.31 -7.29 8.97
CA MET A 499 -7.69 -8.59 9.20
C MET A 499 -6.68 -8.59 10.34
N VAL A 500 -6.14 -7.43 10.72
CA VAL A 500 -5.10 -7.37 11.73
C VAL A 500 -5.61 -6.92 13.09
N VAL A 501 -6.77 -6.29 13.15
CA VAL A 501 -7.32 -5.78 14.41
C VAL A 501 -8.56 -6.54 14.82
N ILE A 502 -9.60 -6.55 13.98
CA ILE A 502 -10.92 -6.83 14.52
C ILE A 502 -11.33 -8.30 14.39
N LEU A 503 -11.39 -8.82 13.16
CA LEU A 503 -11.78 -10.23 13.08
C LEU A 503 -10.72 -11.17 13.65
N PRO A 504 -9.42 -10.84 13.63
CA PRO A 504 -8.47 -11.68 14.39
C PRO A 504 -8.75 -11.68 15.88
N SER A 505 -9.50 -10.71 16.39
CA SER A 505 -9.95 -10.69 17.77
C SER A 505 -11.41 -11.09 17.94
N MET A 506 -12.25 -10.73 16.97
CA MET A 506 -13.64 -11.18 17.00
C MET A 506 -13.72 -12.70 16.94
N GLY A 507 -12.88 -13.32 16.12
CA GLY A 507 -12.73 -14.77 16.16
C GLY A 507 -11.86 -15.27 17.28
N LEU A 508 -11.08 -14.38 17.91
CA LEU A 508 -10.30 -14.75 19.07
C LEU A 508 -11.12 -14.73 20.35
N THR A 509 -12.36 -14.26 20.29
CA THR A 509 -13.28 -14.49 21.40
C THR A 509 -13.62 -15.98 21.55
N SER A 510 -13.08 -16.83 20.69
CA SER A 510 -13.26 -18.27 20.78
C SER A 510 -12.49 -18.79 22.00
N LEU A 511 -12.48 -20.11 22.17
CA LEU A 511 -12.01 -20.76 23.40
C LEU A 511 -12.87 -20.32 24.59
N HIS A 512 -14.12 -19.95 24.32
CA HIS A 512 -15.01 -19.47 25.36
C HIS A 512 -15.20 -20.54 26.43
N VAL A 513 -15.15 -20.09 27.69
CA VAL A 513 -15.24 -20.99 28.84
C VAL A 513 -16.69 -21.46 28.94
N PHE A 514 -16.91 -22.75 28.69
CA PHE A 514 -18.24 -23.37 28.76
C PHE A 514 -18.10 -24.69 29.51
N LEU A 515 -18.29 -24.64 30.82
CA LEU A 515 -18.12 -25.78 31.71
C LEU A 515 -18.92 -25.49 32.98
N ARG A 516 -18.59 -26.21 34.07
CA ARG A 516 -19.21 -25.97 35.38
C ARG A 516 -19.48 -24.49 35.64
N TRP A 517 -18.50 -23.64 35.34
CA TRP A 517 -18.71 -22.20 35.37
C TRP A 517 -19.63 -21.80 34.23
N LEU A 518 -20.85 -21.35 34.55
CA LEU A 518 -21.87 -21.18 33.52
C LEU A 518 -21.60 -19.95 32.66
N PHE A 519 -21.66 -18.76 33.26
CA PHE A 519 -21.39 -17.55 32.50
C PHE A 519 -19.98 -17.03 32.81
N ASP A 520 -19.69 -15.82 32.35
CA ASP A 520 -18.33 -15.31 32.34
C ASP A 520 -17.76 -15.18 33.75
N ILE A 521 -18.57 -14.74 34.71
CA ILE A 521 -18.06 -14.35 36.03
C ILE A 521 -18.51 -15.33 37.10
N TYR A 522 -18.71 -16.60 36.72
CA TYR A 522 -18.94 -17.64 37.71
C TYR A 522 -17.62 -18.04 38.37
N TYR A 523 -17.55 -17.91 39.70
CA TYR A 523 -16.38 -18.31 40.46
C TYR A 523 -16.35 -19.81 40.75
N LEU A 524 -17.18 -20.60 40.06
CA LEU A 524 -17.25 -22.03 40.30
C LEU A 524 -15.99 -22.71 39.78
N GLU A 525 -15.15 -23.19 40.69
CA GLU A 525 -13.95 -23.96 40.37
C GLU A 525 -12.94 -23.19 39.53
N HIS A 526 -13.10 -21.87 39.42
CA HIS A 526 -12.17 -21.03 38.67
C HIS A 526 -11.80 -19.80 39.48
N ALA A 527 -10.59 -19.30 39.24
CA ALA A 527 -10.11 -18.08 39.86
C ALA A 527 -10.45 -16.90 38.94
N THR A 528 -9.86 -15.73 39.22
CA THR A 528 -10.09 -14.56 38.40
C THR A 528 -9.29 -14.59 37.09
N ILE A 529 -8.58 -15.68 36.81
CA ILE A 529 -7.83 -15.79 35.56
C ILE A 529 -8.79 -15.81 34.37
N ARG A 530 -9.94 -16.46 34.53
CA ARG A 530 -10.93 -16.55 33.47
C ARG A 530 -11.62 -15.18 33.31
N PHE A 531 -11.49 -14.59 32.13
CA PHE A 531 -12.11 -13.29 31.83
C PHE A 531 -12.57 -13.34 30.38
N GLN A 532 -13.88 -13.50 30.19
CA GLN A 532 -14.45 -13.60 28.84
C GLN A 532 -14.31 -12.29 28.06
N CYS A 533 -14.10 -11.16 28.76
CA CYS A 533 -13.95 -9.89 28.05
C CYS A 533 -12.84 -9.97 27.01
N VAL A 534 -11.59 -10.14 27.46
CA VAL A 534 -10.50 -10.57 26.58
C VAL A 534 -9.72 -11.68 27.26
N PHE A 535 -9.63 -12.81 26.58
CA PHE A 535 -8.87 -13.97 27.01
C PHE A 535 -8.16 -14.59 25.81
N LEU A 536 -7.58 -13.74 24.97
CA LEU A 536 -7.13 -14.17 23.65
C LEU A 536 -5.96 -15.16 23.77
N PRO A 537 -4.72 -14.75 24.16
CA PRO A 537 -3.90 -15.69 24.93
C PRO A 537 -4.05 -15.44 26.42
N ASP A 538 -5.29 -15.23 26.85
CA ASP A 538 -5.64 -14.90 28.24
C ASP A 538 -5.06 -13.56 28.67
N ASN A 539 -4.25 -12.94 27.83
CA ASN A 539 -3.65 -11.64 28.14
C ASN A 539 -3.64 -10.65 26.98
N GLY A 540 -3.72 -11.10 25.73
CA GLY A 540 -3.56 -10.22 24.59
C GLY A 540 -2.16 -10.15 24.01
N ALA A 541 -1.27 -11.06 24.40
CA ALA A 541 0.12 -11.01 23.97
C ALA A 541 0.28 -11.26 22.47
N PHE A 542 -0.75 -11.78 21.81
CA PHE A 542 -0.63 -12.12 20.40
C PHE A 542 -0.33 -10.89 19.56
N PHE A 543 -1.00 -9.78 19.82
CA PHE A 543 -0.86 -8.61 18.97
C PHE A 543 0.48 -7.90 19.17
N ILE A 544 0.97 -7.83 20.42
CA ILE A 544 2.28 -7.23 20.65
C ILE A 544 3.38 -8.14 20.07
N ASN A 545 3.22 -9.45 20.24
CA ASN A 545 4.13 -10.39 19.59
C ASN A 545 4.16 -10.15 18.08
N TYR A 546 2.98 -10.00 17.48
CA TYR A 546 2.90 -9.74 16.05
C TYR A 546 3.61 -8.44 15.69
N VAL A 547 3.37 -7.38 16.47
CA VAL A 547 3.92 -6.09 16.08
C VAL A 547 5.44 -6.10 16.17
N ILE A 548 6.01 -6.74 17.20
CA ILE A 548 7.47 -6.74 17.31
C ILE A 548 8.09 -7.61 16.22
N THR A 549 7.54 -8.81 15.98
CA THR A 549 8.12 -9.67 14.95
C THR A 549 7.93 -9.06 13.57
N ALA A 550 6.78 -8.42 13.33
CA ALA A 550 6.55 -7.75 12.06
C ALA A 550 7.54 -6.63 11.87
N ALA A 551 7.71 -5.78 12.88
CA ALA A 551 8.71 -4.72 12.83
C ALA A 551 10.05 -5.28 12.36
N LEU A 552 10.64 -6.18 13.16
CA LEU A 552 12.02 -6.55 12.89
C LEU A 552 12.15 -7.38 11.61
N LEU A 553 11.33 -8.43 11.47
CA LEU A 553 11.46 -9.29 10.30
C LEU A 553 11.06 -8.57 9.01
N GLY A 554 9.95 -7.81 9.04
CA GLY A 554 9.52 -7.12 7.85
C GLY A 554 10.47 -6.04 7.40
N THR A 555 11.10 -5.32 8.33
CA THR A 555 12.10 -4.36 7.89
C THR A 555 13.42 -5.00 7.53
N GLY A 556 13.73 -6.20 8.05
CA GLY A 556 14.80 -6.97 7.46
C GLY A 556 14.52 -7.33 6.01
N MET A 557 13.27 -7.69 5.73
CA MET A 557 12.86 -7.95 4.35
C MET A 557 12.92 -6.68 3.51
N GLU A 558 12.48 -5.56 4.07
CA GLU A 558 12.52 -4.28 3.35
C GLU A 558 13.95 -3.80 3.11
N LEU A 559 14.90 -4.21 3.94
CA LEU A 559 16.30 -3.97 3.63
C LEU A 559 16.70 -4.74 2.37
N MET A 560 16.21 -5.96 2.24
CA MET A 560 16.33 -6.72 1.01
C MET A 560 15.20 -6.41 0.04
N ARG A 561 14.26 -5.56 0.45
CA ARG A 561 13.24 -4.83 -0.29
C ARG A 561 12.05 -5.68 -0.71
N LEU A 562 12.10 -7.01 -0.57
CA LEU A 562 10.95 -7.88 -0.84
C LEU A 562 10.57 -7.86 -2.32
N GLY A 563 11.22 -6.99 -3.10
CA GLY A 563 10.98 -6.91 -4.52
C GLY A 563 11.93 -7.83 -5.26
N SER A 564 12.98 -8.26 -4.57
CA SER A 564 13.89 -9.24 -5.12
C SER A 564 13.19 -10.58 -5.33
N LEU A 565 12.33 -10.98 -4.38
CA LEU A 565 11.53 -12.19 -4.57
C LEU A 565 10.58 -12.04 -5.75
N CYS A 566 9.98 -10.85 -5.89
CA CYS A 566 9.12 -10.60 -7.04
C CYS A 566 9.88 -10.73 -8.34
N THR A 567 11.09 -10.17 -8.41
CA THR A 567 11.90 -10.29 -9.61
C THR A 567 12.28 -11.74 -9.87
N TYR A 568 12.63 -12.48 -8.82
CA TYR A 568 12.98 -13.90 -8.99
C TYR A 568 11.81 -14.68 -9.56
N CYS A 569 10.61 -14.47 -9.01
CA CYS A 569 9.43 -15.15 -9.53
C CYS A 569 9.13 -14.76 -10.96
N THR A 570 9.27 -13.47 -11.28
CA THR A 570 9.02 -13.00 -12.64
C THR A 570 9.99 -13.63 -13.64
N ARG A 571 11.27 -13.70 -13.28
CA ARG A 571 12.24 -14.30 -14.19
C ARG A 571 12.00 -15.80 -14.34
N LEU A 572 11.68 -16.48 -13.24
CA LEU A 572 11.36 -17.91 -13.31
C LEU A 572 10.09 -18.16 -14.11
N PHE A 573 9.19 -17.18 -14.21
CA PHE A 573 7.98 -17.35 -14.99
C PHE A 573 8.28 -17.49 -16.48
N LEU A 574 9.19 -16.67 -17.00
CA LEU A 574 9.49 -16.63 -18.43
C LEU A 574 11.00 -16.60 -18.67
N SER A 575 11.72 -17.53 -18.03
CA SER A 575 13.16 -17.61 -18.21
C SER A 575 13.53 -18.18 -19.58
N LYS A 576 13.72 -17.30 -20.55
CA LYS A 576 14.05 -17.70 -21.92
C LYS A 576 14.37 -16.43 -22.71
N SER A 577 14.78 -16.62 -23.96
CA SER A 577 14.95 -15.52 -24.92
C SER A 577 15.95 -14.48 -24.40
N GLU A 578 17.22 -14.91 -24.34
CA GLU A 578 18.35 -14.19 -23.75
C GLU A 578 18.29 -12.67 -23.90
N PRO A 579 17.89 -12.10 -25.04
CA PRO A 579 17.67 -10.64 -25.08
C PRO A 579 16.61 -10.17 -24.09
N GLU A 580 15.68 -11.03 -23.68
CA GLU A 580 14.76 -10.65 -22.62
C GLU A 580 15.47 -10.40 -21.30
N ARG A 581 16.67 -10.97 -21.11
CA ARG A 581 17.45 -10.63 -19.93
C ARG A 581 17.87 -9.16 -19.96
N VAL A 582 18.32 -8.67 -21.12
CA VAL A 582 18.64 -7.25 -21.25
C VAL A 582 17.37 -6.40 -21.11
N HIS A 583 16.26 -6.90 -21.64
CA HIS A 583 14.99 -6.19 -21.46
C HIS A 583 14.64 -6.06 -19.98
N ILE A 584 14.84 -7.12 -19.20
CA ILE A 584 14.57 -7.09 -17.77
C ILE A 584 15.53 -6.12 -17.08
N ARG A 585 16.82 -6.20 -17.43
CA ARG A 585 17.81 -5.31 -16.85
C ARG A 585 17.52 -3.85 -17.16
N LYS A 586 16.81 -3.57 -18.26
CA LYS A 586 16.39 -2.21 -18.56
C LYS A 586 15.45 -1.68 -17.47
N ASN A 587 14.56 -2.53 -16.96
CA ASN A 587 13.64 -2.15 -15.90
C ASN A 587 13.84 -3.01 -14.65
N GLN A 588 15.07 -3.49 -14.42
CA GLN A 588 15.34 -4.28 -13.22
C GLN A 588 15.18 -3.44 -11.96
N ALA A 589 15.61 -2.18 -11.99
CA ALA A 589 15.47 -1.31 -10.83
C ALA A 589 14.00 -0.98 -10.61
N THR A 590 13.50 -1.27 -9.41
CA THR A 590 12.11 -1.01 -9.07
C THR A 590 12.01 0.29 -8.29
N ASP A 591 11.08 1.15 -8.70
CA ASP A 591 10.89 2.42 -8.03
C ASP A 591 10.16 2.20 -6.70
N PHE A 592 9.88 3.32 -6.03
CA PHE A 592 9.16 3.26 -4.76
C PHE A 592 7.69 2.92 -5.01
N GLN A 593 7.17 1.97 -4.25
CA GLN A 593 5.74 1.69 -4.22
C GLN A 593 5.21 2.30 -2.93
N PHE A 594 4.83 3.57 -3.00
CA PHE A 594 4.40 4.30 -1.80
C PHE A 594 3.15 3.70 -1.19
N GLY A 595 2.29 3.08 -2.00
CA GLY A 595 1.09 2.47 -1.46
C GLY A 595 1.42 1.40 -0.43
N ARG A 596 2.39 0.54 -0.75
CA ARG A 596 2.77 -0.52 0.17
C ARG A 596 3.38 0.03 1.46
N GLU A 597 4.26 1.03 1.35
CA GLU A 597 4.94 1.55 2.53
C GLU A 597 3.98 2.30 3.45
N TYR A 598 3.11 3.14 2.89
CA TYR A 598 2.07 3.74 3.70
C TYR A 598 1.13 2.69 4.26
N ALA A 599 0.87 1.60 3.53
CA ALA A 599 0.05 0.53 4.08
C ALA A 599 0.69 -0.07 5.32
N TRP A 600 1.98 -0.35 5.26
CA TRP A 600 2.67 -0.89 6.44
C TRP A 600 2.62 0.08 7.61
N MET A 601 3.00 1.34 7.34
CA MET A 601 3.06 2.33 8.41
C MET A 601 1.70 2.53 9.05
N LEU A 602 0.66 2.67 8.23
CA LEU A 602 -0.68 2.92 8.78
C LEU A 602 -1.26 1.66 9.42
N ASN A 603 -0.88 0.47 8.95
CA ASN A 603 -1.34 -0.75 9.59
C ASN A 603 -0.81 -0.83 11.01
N VAL A 604 0.51 -0.67 11.17
CA VAL A 604 1.06 -0.76 12.51
C VAL A 604 0.58 0.41 13.36
N PHE A 605 0.46 1.59 12.77
CA PHE A 605 -0.07 2.74 13.50
C PHE A 605 -1.48 2.46 14.02
N SER A 606 -2.33 1.88 13.17
CA SER A 606 -3.70 1.58 13.56
C SER A 606 -3.73 0.54 14.67
N VAL A 607 -2.93 -0.51 14.56
CA VAL A 607 -2.97 -1.55 15.60
C VAL A 607 -2.44 -0.99 16.92
N VAL A 608 -1.39 -0.16 16.86
CA VAL A 608 -0.86 0.43 18.09
C VAL A 608 -1.90 1.34 18.72
N MET A 609 -2.52 2.22 17.93
CA MET A 609 -3.54 3.11 18.47
C MET A 609 -4.74 2.32 18.98
N ALA A 610 -5.00 1.15 18.39
CA ALA A 610 -6.12 0.33 18.85
C ALA A 610 -5.84 -0.28 20.21
N TYR A 611 -4.61 -0.72 20.45
CA TYR A 611 -4.28 -1.37 21.72
C TYR A 611 -3.30 -0.56 22.56
N SER A 612 -3.12 0.73 22.28
CA SER A 612 -2.20 1.54 23.07
C SER A 612 -2.68 1.68 24.51
N ILE A 613 -3.93 2.11 24.68
CA ILE A 613 -4.45 2.33 26.02
C ILE A 613 -4.64 1.02 26.76
N THR A 614 -5.09 -0.02 26.04
CA THR A 614 -5.34 -1.33 26.63
C THR A 614 -4.05 -1.95 27.18
N CYS A 615 -3.11 -2.26 26.30
CA CYS A 615 -1.84 -2.85 26.71
C CYS A 615 -0.71 -1.88 26.41
N PRO A 616 -0.20 -1.15 27.40
CA PRO A 616 0.83 -0.14 27.14
C PRO A 616 2.20 -0.69 26.80
N ILE A 617 2.37 -2.01 26.71
CA ILE A 617 3.68 -2.55 26.35
C ILE A 617 3.91 -2.43 24.85
N ILE A 618 2.84 -2.35 24.06
CA ILE A 618 2.97 -2.22 22.62
C ILE A 618 3.42 -0.82 22.21
N VAL A 619 3.46 0.12 23.14
CA VAL A 619 3.85 1.50 22.87
C VAL A 619 5.36 1.65 22.66
N PRO A 620 6.22 1.28 23.60
CA PRO A 620 7.67 1.42 23.34
C PRO A 620 8.12 0.59 22.15
N PHE A 621 7.51 -0.56 21.93
CA PHE A 621 7.86 -1.35 20.76
C PHE A 621 7.30 -0.73 19.49
N GLY A 622 6.21 0.03 19.60
CA GLY A 622 5.79 0.87 18.48
C GLY A 622 6.82 1.95 18.16
N LEU A 623 7.39 2.57 19.19
CA LEU A 623 8.50 3.49 18.98
C LEU A 623 9.67 2.81 18.29
N LEU A 624 9.99 1.58 18.73
CA LEU A 624 11.08 0.83 18.11
C LEU A 624 10.78 0.58 16.63
N TYR A 625 9.55 0.18 16.33
CA TYR A 625 9.17 -0.03 14.93
C TYR A 625 9.32 1.24 14.12
N LEU A 626 8.83 2.36 14.65
CA LEU A 626 8.90 3.60 13.88
C LEU A 626 10.34 4.02 13.64
N CYS A 627 11.18 3.98 14.67
CA CYS A 627 12.57 4.43 14.53
C CYS A 627 13.34 3.52 13.58
N MET A 628 13.18 2.20 13.73
CA MET A 628 13.88 1.25 12.86
C MET A 628 13.31 1.23 11.44
N LYS A 629 12.02 1.50 11.26
CA LYS A 629 11.48 1.68 9.92
C LYS A 629 12.08 2.91 9.25
N HIS A 630 12.22 4.01 10.01
CA HIS A 630 12.89 5.19 9.47
C HIS A 630 14.34 4.87 9.11
N ILE A 631 15.02 4.11 9.97
CA ILE A 631 16.40 3.74 9.72
C ILE A 631 16.52 2.97 8.41
N THR A 632 15.61 2.03 8.16
CA THR A 632 15.74 1.26 6.92
C THR A 632 15.34 2.06 5.70
N ASP A 633 14.25 2.86 5.75
CA ASP A 633 13.83 3.45 4.49
C ASP A 633 14.65 4.69 4.15
N ARG A 634 15.38 5.28 5.10
CA ARG A 634 16.31 6.34 4.72
C ARG A 634 17.45 5.81 3.86
N TYR A 635 18.05 4.70 4.29
CA TYR A 635 19.05 4.03 3.48
C TYR A 635 18.47 3.59 2.15
N ASN A 636 17.24 3.07 2.18
CA ASN A 636 16.57 2.71 0.93
C ASN A 636 16.41 3.92 0.01
N MET A 637 15.99 5.05 0.57
CA MET A 637 15.87 6.29 -0.19
C MET A 637 17.16 6.61 -0.91
N TYR A 638 18.27 6.64 -0.16
CA TYR A 638 19.50 7.16 -0.75
C TYR A 638 20.23 6.15 -1.61
N TYR A 639 19.96 4.84 -1.46
CA TYR A 639 20.76 3.85 -2.17
C TYR A 639 19.98 2.73 -2.83
N SER A 640 18.68 2.58 -2.58
CA SER A 640 17.92 1.51 -3.20
C SER A 640 16.53 1.90 -3.66
N TYR A 641 16.14 3.16 -3.55
CA TYR A 641 14.81 3.63 -3.93
C TYR A 641 14.97 4.65 -5.05
N ALA A 642 14.66 4.25 -6.28
CA ALA A 642 14.79 5.16 -7.40
C ALA A 642 13.83 6.34 -7.24
N PRO A 643 14.32 7.57 -7.31
CA PRO A 643 13.43 8.73 -7.11
C PRO A 643 12.32 8.78 -8.16
N THR A 644 11.12 9.13 -7.69
CA THR A 644 9.95 9.23 -8.55
C THR A 644 8.88 10.02 -7.80
N LYS A 645 8.24 10.94 -8.51
CA LYS A 645 7.27 11.84 -7.89
C LYS A 645 6.08 11.05 -7.34
N LEU A 646 5.37 11.66 -6.40
CA LEU A 646 4.17 11.07 -5.79
C LEU A 646 2.98 11.98 -6.03
N ASN A 647 1.85 11.37 -6.39
CA ASN A 647 0.61 12.13 -6.53
C ASN A 647 0.17 12.66 -5.17
N ALA A 648 -0.25 13.94 -5.15
CA ALA A 648 -0.60 14.58 -3.89
C ALA A 648 -1.82 13.95 -3.24
N GLN A 649 -2.72 13.36 -4.04
CA GLN A 649 -3.91 12.74 -3.49
C GLN A 649 -3.57 11.60 -2.56
N ILE A 650 -2.49 10.87 -2.84
CA ILE A 650 -2.10 9.75 -1.99
C ILE A 650 -1.79 10.24 -0.57
N HIS A 651 -1.05 11.34 -0.48
CA HIS A 651 -0.70 11.88 0.85
C HIS A 651 -1.92 12.52 1.51
N MET A 652 -2.74 13.23 0.72
CA MET A 652 -3.93 13.84 1.27
C MET A 652 -4.92 12.81 1.79
N ALA A 653 -4.87 11.58 1.28
CA ALA A 653 -5.66 10.50 1.84
C ALA A 653 -4.95 9.79 2.98
N ALA A 654 -3.62 9.69 2.93
CA ALA A 654 -2.88 9.04 3.99
C ALA A 654 -3.01 9.77 5.31
N VAL A 655 -2.99 11.11 5.26
CA VAL A 655 -3.24 11.87 6.49
C VAL A 655 -4.62 11.59 7.02
N TYR A 656 -5.61 11.41 6.14
CA TYR A 656 -6.96 11.10 6.58
C TYR A 656 -7.02 9.75 7.25
N GLN A 657 -6.32 8.74 6.70
CA GLN A 657 -6.26 7.45 7.39
C GLN A 657 -5.56 7.59 8.73
N ALA A 658 -4.53 8.41 8.80
CA ALA A 658 -3.80 8.59 10.05
C ALA A 658 -4.71 9.17 11.13
N ILE A 659 -5.50 10.19 10.79
CA ILE A 659 -6.39 10.79 11.78
C ILE A 659 -7.54 9.83 12.11
N PHE A 660 -7.99 9.05 11.12
CA PHE A 660 -9.10 8.14 11.37
C PHE A 660 -8.68 6.89 12.15
N ALA A 661 -7.38 6.62 12.25
CA ALA A 661 -6.92 5.41 12.93
C ALA A 661 -7.37 5.31 14.39
N PRO A 662 -7.28 6.36 15.22
CA PRO A 662 -7.72 6.22 16.62
C PRO A 662 -9.20 5.94 16.78
N LEU A 663 -10.02 6.10 15.74
CA LEU A 663 -11.39 5.60 15.84
C LEU A 663 -11.41 4.09 16.04
N LEU A 664 -10.40 3.37 15.55
CA LEU A 664 -10.28 1.95 15.88
C LEU A 664 -10.07 1.75 17.38
N GLY A 665 -9.21 2.56 17.98
CA GLY A 665 -9.00 2.46 19.41
C GLY A 665 -10.23 2.81 20.21
N LEU A 666 -10.96 3.84 19.78
CA LEU A 666 -12.20 4.21 20.46
C LEU A 666 -13.26 3.13 20.30
N PHE A 667 -13.31 2.49 19.13
CA PHE A 667 -14.22 1.37 18.93
C PHE A 667 -13.86 0.21 19.85
N TRP A 668 -12.56 -0.06 20.03
CA TRP A 668 -12.16 -1.11 20.95
C TRP A 668 -12.52 -0.75 22.39
N MET A 669 -12.40 0.53 22.73
CA MET A 669 -12.80 0.96 24.07
C MET A 669 -14.30 0.77 24.28
N LEU A 670 -15.11 1.09 23.27
CA LEU A 670 -16.54 0.83 23.36
C LEU A 670 -16.82 -0.66 23.50
N PHE A 671 -16.05 -1.47 22.82
CA PHE A 671 -16.26 -2.92 22.83
C PHE A 671 -16.00 -3.36 24.26
N PHE A 672 -15.00 -2.77 24.90
CA PHE A 672 -14.62 -3.28 26.24
C PHE A 672 -15.58 -2.75 27.26
N SER A 673 -16.12 -1.59 26.98
CA SER A 673 -17.14 -1.11 27.89
C SER A 673 -18.36 -2.04 27.88
N ILE A 674 -18.89 -2.32 26.69
CA ILE A 674 -20.08 -3.15 26.59
C ILE A 674 -19.84 -4.54 27.16
N LEU A 675 -18.72 -5.17 26.83
CA LEU A 675 -18.53 -6.51 27.39
C LEU A 675 -18.20 -6.49 28.87
N ARG A 676 -17.05 -5.90 29.24
CA ARG A 676 -16.55 -6.04 30.60
C ARG A 676 -17.40 -5.24 31.59
N VAL A 677 -17.70 -3.98 31.27
CA VAL A 677 -18.29 -3.11 32.28
C VAL A 677 -19.80 -3.29 32.35
N GLY A 678 -20.47 -3.27 31.20
CA GLY A 678 -21.90 -3.38 31.13
C GLY A 678 -22.44 -2.53 30.01
N SER A 679 -23.71 -2.16 30.12
CA SER A 679 -24.37 -1.33 29.11
C SER A 679 -24.75 0.04 29.65
N LEU A 680 -25.54 0.08 30.72
CA LEU A 680 -26.02 1.34 31.26
C LEU A 680 -25.03 2.01 32.21
N HIS A 681 -23.89 1.38 32.47
CA HIS A 681 -22.86 1.99 33.30
C HIS A 681 -22.41 3.30 32.68
N SER A 682 -22.20 4.32 33.52
CA SER A 682 -21.93 5.66 33.02
C SER A 682 -20.67 5.72 32.17
N ILE A 683 -19.69 4.85 32.45
CA ILE A 683 -18.49 4.84 31.63
C ILE A 683 -18.77 4.29 30.24
N THR A 684 -19.62 3.28 30.18
CA THR A 684 -19.80 2.73 28.84
C THR A 684 -20.22 3.86 27.92
N LEU A 685 -20.70 4.97 28.50
CA LEU A 685 -21.28 6.03 27.64
C LEU A 685 -20.21 7.02 27.20
N PHE A 686 -19.11 7.18 27.93
CA PHE A 686 -18.07 8.10 27.40
C PHE A 686 -17.47 7.41 26.20
N SER A 687 -17.08 6.17 26.39
CA SER A 687 -16.63 5.44 25.21
C SER A 687 -17.81 5.60 24.28
N MET A 688 -19.05 5.40 24.76
CA MET A 688 -20.17 5.51 23.78
C MET A 688 -20.18 6.92 23.15
N SER A 689 -19.87 7.95 23.93
CA SER A 689 -19.97 9.35 23.45
C SER A 689 -18.77 9.73 22.58
N SER A 690 -17.57 9.56 23.13
CA SER A 690 -16.33 9.90 22.38
C SER A 690 -16.43 9.27 21.00
N LEU A 691 -16.68 7.97 20.93
CA LEU A 691 -16.85 7.30 19.61
C LEU A 691 -17.80 8.13 18.75
N ILE A 692 -18.79 8.82 19.35
CA ILE A 692 -19.64 9.64 18.50
C ILE A 692 -18.99 10.99 18.22
N ILE A 693 -18.48 11.63 19.27
CA ILE A 693 -17.79 12.90 19.11
C ILE A 693 -16.54 12.73 18.26
N SER A 694 -15.84 11.60 18.43
CA SER A 694 -14.65 11.35 17.64
C SER A 694 -14.97 11.22 16.16
N VAL A 695 -16.06 10.53 15.83
CA VAL A 695 -16.42 10.37 14.42
C VAL A 695 -16.90 11.69 13.83
N VAL A 696 -17.65 12.49 14.60
CA VAL A 696 -18.11 13.77 14.08
C VAL A 696 -16.94 14.74 13.92
N ILE A 697 -15.97 14.68 14.84
CA ILE A 697 -14.79 15.53 14.73
C ILE A 697 -13.89 15.07 13.59
N ALA A 698 -13.81 13.76 13.35
CA ALA A 698 -13.06 13.26 12.21
C ALA A 698 -13.68 13.72 10.90
N PHE A 699 -15.01 13.67 10.80
CA PHE A 699 -15.68 14.17 9.60
C PHE A 699 -15.46 15.67 9.45
N SER A 700 -15.51 16.42 10.56
CA SER A 700 -15.25 17.85 10.51
C SER A 700 -13.83 18.13 10.02
N GLY A 701 -12.85 17.37 10.52
CA GLY A 701 -11.48 17.55 10.08
C GLY A 701 -11.30 17.20 8.62
N VAL A 702 -11.99 16.16 8.17
CA VAL A 702 -11.89 15.77 6.76
C VAL A 702 -12.44 16.87 5.86
N PHE A 703 -13.65 17.34 6.15
CA PHE A 703 -14.22 18.36 5.27
C PHE A 703 -13.49 19.68 5.41
N LEU A 704 -12.87 19.92 6.57
CA LEU A 704 -11.98 21.08 6.70
C LEU A 704 -10.74 20.91 5.84
N GLY A 705 -10.23 19.69 5.70
CA GLY A 705 -9.11 19.46 4.80
C GLY A 705 -9.48 19.72 3.35
N LYS A 706 -10.65 19.24 2.92
CA LYS A 706 -11.11 19.58 1.58
C LYS A 706 -11.34 21.08 1.43
N LEU A 707 -11.82 21.75 2.48
CA LEU A 707 -11.99 23.20 2.41
C LEU A 707 -10.67 23.91 2.25
N ARG A 708 -9.65 23.48 3.00
CA ARG A 708 -8.32 24.06 2.87
C ARG A 708 -7.72 23.78 1.49
N ILE A 709 -8.00 22.61 0.92
CA ILE A 709 -7.58 22.34 -0.45
C ILE A 709 -8.27 23.30 -1.42
N ALA A 710 -9.56 23.54 -1.21
CA ALA A 710 -10.29 24.49 -2.06
C ALA A 710 -9.70 25.89 -1.96
N GLN A 711 -9.31 26.30 -0.74
CA GLN A 711 -8.65 27.59 -0.58
C GLN A 711 -7.31 27.61 -1.33
N ARG A 712 -6.48 26.60 -1.10
CA ARG A 712 -5.20 26.47 -1.79
C ARG A 712 -5.34 25.63 -3.06
N TYR A 713 -6.35 25.95 -3.87
CA TYR A 713 -6.58 25.29 -5.15
C TYR A 713 -6.24 26.16 -6.34
N GLU A 714 -6.50 27.46 -6.26
CA GLU A 714 -6.20 28.38 -7.35
C GLU A 714 -4.83 29.02 -7.18
#